data_9I5A
#
_entry.id   9I5A
#
_cell.length_a   57.637
_cell.length_b   74.612
_cell.length_c   78.769
_cell.angle_alpha   74.384
_cell.angle_beta   74.084
_cell.angle_gamma   79.729
#
_symmetry.space_group_name_H-M   'P 1'
#
loop_
_entity.id
_entity.type
_entity.pdbx_description
1 polymer 'Basement membrane-specific heparan sulfate proteoglycan core protein'
2 non-polymer 'SUCCINIC ACID'
3 non-polymer GLYCEROL
4 water water
#
_entity_poly.entity_id   1
_entity_poly.type   'polypeptide(L)'
_entity_poly.pdbx_seq_one_letter_code
;IVRCDERGSLGTSGETCRCKNNVVGRLCNECSDGSFHLSKQNPDGCLKCFCMGVSRQCSSSSWSRAQVLGASEQPSQFSL
SNAAGTHTTSEGVSSPAPGELSFSSFHNLLSEPYFWSLPASFRGDKVTSYGGELRFTVMQRPRPSSAPLHRQPLVVLQGN
NIVLEHHASRDPSPGQPSNFIVPFQEQAWQRPDGQPATREHLLMALAGIDALLIQASYTQQPAESRLSGISMDVAVPENT
GQDSAREVEQCTCPPGYRGPSCQDCDTGYTRVPSGLYLGTCERCNCHGHSETCEPETGACQSCQHHTEGASCEQCQPGYY
GDAQRGTPQDCQPCPCYGAPAAGQAAHTCFLDTDGHPTCDSCSPGHSGRHCERCAPGYYGNPSQGQPCHRDGQVPEV
;
_entity_poly.pdbx_strand_id   A,B
#
loop_
_chem_comp.id
_chem_comp.type
_chem_comp.name
_chem_comp.formula
GOL non-polymer GLYCEROL 'C3 H8 O3'
SIN non-polymer 'SUCCINIC ACID' 'C4 H6 O4'
#
# COMPACT_ATOMS: atom_id res chain seq x y z
N ILE A 1 4.81 -17.37 -53.69
CA ILE A 1 3.67 -16.76 -52.94
C ILE A 1 4.25 -16.17 -51.66
N VAL A 2 3.64 -15.07 -51.18
CA VAL A 2 4.03 -14.47 -49.93
C VAL A 2 2.85 -14.62 -48.98
N ARG A 3 3.13 -15.11 -47.77
CA ARG A 3 2.13 -15.29 -46.74
C ARG A 3 2.05 -14.00 -45.93
N CYS A 4 1.06 -13.17 -46.27
CA CYS A 4 0.76 -11.97 -45.53
C CYS A 4 0.22 -12.32 -44.15
N ASP A 5 0.52 -11.47 -43.16
CA ASP A 5 0.10 -11.69 -41.79
C ASP A 5 -1.40 -11.46 -41.65
N GLU A 6 -2.11 -12.50 -41.16
CA GLU A 6 -3.56 -12.47 -41.03
C GLU A 6 -4.00 -11.35 -40.08
N ARG A 7 -3.14 -10.96 -39.14
CA ARG A 7 -3.55 -9.96 -38.18
C ARG A 7 -3.47 -8.55 -38.78
N GLY A 8 -2.42 -8.23 -39.53
CA GLY A 8 -2.22 -6.84 -39.94
C GLY A 8 -2.56 -6.56 -41.41
N SER A 9 -2.79 -7.59 -42.24
CA SER A 9 -3.14 -7.40 -43.64
C SER A 9 -4.65 -7.20 -43.87
N LEU A 10 -5.01 -6.29 -44.77
CA LEU A 10 -6.37 -6.17 -45.28
C LEU A 10 -6.52 -7.10 -46.49
N GLY A 11 -5.43 -7.36 -47.19
CA GLY A 11 -5.49 -8.11 -48.42
C GLY A 11 -4.15 -8.17 -49.13
N THR A 12 -4.13 -8.85 -50.28
CA THR A 12 -2.89 -9.23 -50.93
C THR A 12 -3.06 -9.17 -52.44
N SER A 13 -2.14 -8.47 -53.13
CA SER A 13 -1.89 -8.64 -54.55
C SER A 13 -1.10 -9.91 -54.86
N GLY A 14 -1.23 -10.98 -54.05
CA GLY A 14 -0.48 -12.22 -54.27
C GLY A 14 1.02 -12.11 -53.96
N GLU A 15 1.70 -11.06 -54.44
CA GLU A 15 3.10 -10.81 -54.16
C GLU A 15 3.31 -9.57 -53.29
N THR A 16 2.22 -8.85 -52.95
CA THR A 16 2.28 -7.64 -52.15
C THR A 16 1.21 -7.75 -51.05
N CYS A 17 1.52 -7.26 -49.84
CA CYS A 17 0.57 -7.26 -48.73
C CYS A 17 0.05 -5.84 -48.51
N ARG A 18 -1.27 -5.73 -48.36
CA ARG A 18 -1.90 -4.45 -48.08
C ARG A 18 -2.20 -4.40 -46.58
N CYS A 19 -1.74 -3.34 -45.91
CA CYS A 19 -1.71 -3.35 -44.45
C CYS A 19 -2.87 -2.51 -43.90
N LYS A 20 -3.27 -2.85 -42.66
CA LYS A 20 -4.21 -2.03 -41.90
C LYS A 20 -3.53 -0.73 -41.51
N ASN A 21 -4.31 0.22 -41.00
CA ASN A 21 -3.89 1.61 -40.95
C ASN A 21 -2.63 1.76 -40.11
N ASN A 22 -2.51 1.01 -39.01
CA ASN A 22 -1.43 1.22 -38.05
C ASN A 22 -0.39 0.09 -38.13
N VAL A 23 -0.21 -0.49 -39.31
CA VAL A 23 0.65 -1.64 -39.54
C VAL A 23 1.60 -1.33 -40.68
N VAL A 24 2.84 -1.84 -40.55
CA VAL A 24 3.93 -1.65 -41.50
C VAL A 24 4.62 -3.00 -41.67
N GLY A 25 5.59 -2.99 -42.61
CA GLY A 25 6.43 -4.12 -42.94
C GLY A 25 5.94 -4.87 -44.18
N ARG A 26 6.86 -5.57 -44.83
CA ARG A 26 6.61 -6.37 -46.00
C ARG A 26 5.37 -7.25 -45.81
N LEU A 27 5.27 -7.87 -44.64
CA LEU A 27 4.25 -8.87 -44.41
C LEU A 27 3.12 -8.29 -43.57
N CYS A 28 3.12 -6.96 -43.35
CA CYS A 28 2.12 -6.35 -42.49
C CYS A 28 2.06 -7.00 -41.09
N ASN A 29 3.24 -7.16 -40.47
CA ASN A 29 3.34 -7.86 -39.21
C ASN A 29 4.00 -7.00 -38.13
N GLU A 30 4.09 -5.67 -38.34
CA GLU A 30 4.75 -4.78 -37.38
C GLU A 30 3.82 -3.62 -37.10
N CYS A 31 3.75 -3.14 -35.86
CA CYS A 31 3.06 -1.92 -35.54
C CYS A 31 3.84 -0.69 -36.05
N SER A 32 3.12 0.32 -36.54
CA SER A 32 3.70 1.60 -36.93
C SER A 32 4.17 2.38 -35.72
N ASP A 33 4.91 3.45 -36.01
CA ASP A 33 5.34 4.44 -35.00
C ASP A 33 4.14 4.83 -34.16
N GLY A 34 4.31 4.87 -32.85
CA GLY A 34 3.27 5.32 -31.94
C GLY A 34 2.12 4.32 -31.79
N SER A 35 2.32 3.04 -32.14
CA SER A 35 1.27 2.04 -32.10
C SER A 35 1.78 0.80 -31.36
N PHE A 36 0.86 -0.06 -30.93
CA PHE A 36 1.22 -1.31 -30.26
C PHE A 36 0.08 -2.32 -30.33
N HIS A 37 0.44 -3.59 -30.10
CA HIS A 37 -0.50 -4.71 -29.94
C HIS A 37 -1.19 -5.00 -31.27
N LEU A 38 -0.51 -5.75 -32.13
CA LEU A 38 -1.11 -6.24 -33.35
C LEU A 38 -2.15 -7.32 -33.02
N SER A 39 -3.39 -7.16 -33.52
CA SER A 39 -4.41 -8.21 -33.38
C SER A 39 -5.36 -8.24 -34.57
N LYS A 40 -5.73 -9.46 -34.96
CA LYS A 40 -6.67 -9.69 -36.04
C LYS A 40 -7.96 -8.93 -35.80
N GLN A 41 -8.41 -8.79 -34.55
CA GLN A 41 -9.72 -8.21 -34.29
C GLN A 41 -9.71 -6.69 -34.48
N ASN A 42 -8.54 -6.05 -34.34
CA ASN A 42 -8.50 -4.60 -34.52
C ASN A 42 -8.53 -4.29 -36.01
N PRO A 43 -9.49 -3.48 -36.51
CA PRO A 43 -9.52 -3.12 -37.92
C PRO A 43 -8.33 -2.26 -38.33
N ASP A 44 -7.68 -1.60 -37.36
CA ASP A 44 -6.48 -0.84 -37.62
C ASP A 44 -5.20 -1.66 -37.38
N GLY A 45 -5.34 -2.92 -36.96
CA GLY A 45 -4.24 -3.81 -36.68
C GLY A 45 -3.64 -3.58 -35.29
N CYS A 46 -3.33 -2.33 -35.00
CA CYS A 46 -2.61 -1.97 -33.79
C CYS A 46 -3.32 -0.77 -33.20
N LEU A 47 -3.24 -0.68 -31.87
CA LEU A 47 -3.77 0.44 -31.13
C LEU A 47 -2.77 1.58 -31.20
N LYS A 48 -3.26 2.81 -31.10
CA LYS A 48 -2.40 3.96 -30.97
C LYS A 48 -2.00 4.12 -29.50
N CYS A 49 -0.70 4.28 -29.24
CA CYS A 49 -0.23 4.76 -27.95
C CYS A 49 -0.90 6.09 -27.64
N PHE A 50 -1.38 6.30 -26.40
CA PHE A 50 -1.96 7.58 -26.03
C PHE A 50 -1.09 8.24 -24.99
N CYS A 51 -0.90 7.54 -23.85
CA CYS A 51 0.03 7.99 -22.84
C CYS A 51 -0.31 9.41 -22.38
N MET A 52 -1.62 9.72 -22.38
CA MET A 52 -2.14 10.95 -21.82
C MET A 52 -1.51 12.15 -22.51
N GLY A 53 -1.11 11.95 -23.77
CA GLY A 53 -0.58 13.01 -24.60
C GLY A 53 0.87 13.37 -24.36
N VAL A 54 1.59 12.68 -23.46
CA VAL A 54 2.95 13.11 -23.12
C VAL A 54 4.00 12.14 -23.66
N SER A 55 3.60 11.13 -24.43
CA SER A 55 4.54 10.22 -25.05
C SER A 55 3.85 9.46 -26.19
N ARG A 56 4.65 9.12 -27.22
CA ARG A 56 4.20 8.29 -28.32
C ARG A 56 4.86 6.91 -28.27
N GLN A 57 5.66 6.68 -27.23
CA GLN A 57 6.42 5.44 -27.14
C GLN A 57 5.74 4.48 -26.16
N CYS A 58 5.31 3.30 -26.61
CA CYS A 58 4.61 2.37 -25.73
C CYS A 58 4.64 1.01 -26.37
N SER A 59 4.43 -0.03 -25.56
CA SER A 59 4.13 -1.36 -26.06
C SER A 59 3.15 -2.03 -25.09
N SER A 60 2.73 -3.26 -25.39
CA SER A 60 1.82 -4.05 -24.58
C SER A 60 2.36 -4.17 -23.16
N SER A 61 1.50 -3.94 -22.17
CA SER A 61 1.82 -4.23 -20.78
C SER A 61 2.23 -5.69 -20.63
N SER A 62 3.13 -5.90 -19.65
CA SER A 62 3.42 -7.24 -19.18
C SER A 62 2.63 -7.58 -17.89
N TRP A 63 1.76 -6.67 -17.45
CA TRP A 63 0.92 -6.93 -16.29
C TRP A 63 -0.04 -8.07 -16.58
N SER A 64 -0.45 -8.79 -15.52
CA SER A 64 -1.31 -9.96 -15.68
C SER A 64 -2.77 -9.56 -15.40
N ARG A 65 -3.68 -10.25 -16.06
CA ARG A 65 -5.11 -10.06 -15.81
C ARG A 65 -5.48 -10.60 -14.42
N ALA A 66 -6.41 -9.88 -13.79
CA ALA A 66 -7.07 -10.24 -12.54
C ALA A 66 -8.44 -9.58 -12.55
N GLN A 67 -9.30 -9.94 -11.57
CA GLN A 67 -10.67 -9.44 -11.49
C GLN A 67 -10.96 -8.89 -10.10
N VAL A 68 -11.56 -7.69 -10.06
CA VAL A 68 -12.26 -7.21 -8.89
C VAL A 68 -13.68 -7.82 -8.81
N LEU A 69 -13.97 -8.53 -7.72
CA LEU A 69 -15.23 -9.25 -7.58
C LEU A 69 -16.19 -8.50 -6.67
N GLY A 70 -17.48 -8.56 -7.02
CA GLY A 70 -18.49 -7.92 -6.18
C GLY A 70 -18.50 -8.50 -4.76
N ALA A 71 -18.31 -9.82 -4.70
CA ALA A 71 -18.38 -10.59 -3.47
C ALA A 71 -17.30 -10.21 -2.48
N SER A 72 -16.30 -9.43 -2.89
CA SER A 72 -15.21 -9.04 -2.02
CA SER A 72 -15.20 -9.04 -2.01
C SER A 72 -15.52 -7.72 -1.31
N GLU A 73 -16.70 -7.13 -1.58
CA GLU A 73 -17.09 -5.88 -0.91
C GLU A 73 -18.27 -6.18 0.03
N GLN A 74 -18.36 -5.45 1.16
CA GLN A 74 -19.51 -5.53 2.05
C GLN A 74 -20.76 -4.96 1.38
N PRO A 75 -21.95 -5.57 1.56
CA PRO A 75 -23.19 -5.02 1.00
C PRO A 75 -23.42 -3.54 1.30
N SER A 76 -22.98 -3.10 2.47
CA SER A 76 -23.15 -1.72 2.89
C SER A 76 -22.44 -0.77 1.96
N GLN A 77 -21.47 -1.28 1.20
CA GLN A 77 -20.67 -0.41 0.36
C GLN A 77 -21.39 -0.13 -0.96
N PHE A 78 -22.43 -0.90 -1.29
CA PHE A 78 -23.23 -0.63 -2.48
C PHE A 78 -24.38 0.30 -2.16
N SER A 79 -24.86 1.01 -3.19
CA SER A 79 -25.92 1.98 -3.05
C SER A 79 -26.58 2.17 -4.41
N LEU A 80 -27.70 2.89 -4.40
CA LEU A 80 -28.40 3.30 -5.59
C LEU A 80 -28.19 4.80 -5.77
N SER A 81 -28.14 5.23 -7.03
CA SER A 81 -27.88 6.61 -7.39
C SER A 81 -28.66 6.95 -8.65
N ASN A 82 -29.14 8.18 -8.73
CA ASN A 82 -29.55 8.67 -10.03
C ASN A 82 -28.28 8.91 -10.88
N ALA A 83 -28.45 9.14 -12.19
CA ALA A 83 -27.32 9.38 -13.06
C ALA A 83 -26.42 10.52 -12.58
N ALA A 84 -27.03 11.63 -12.14
CA ALA A 84 -26.28 12.80 -11.74
C ALA A 84 -25.61 12.64 -10.38
N GLY A 85 -25.98 11.60 -9.64
CA GLY A 85 -25.46 11.41 -8.29
C GLY A 85 -26.00 12.44 -7.28
N THR A 86 -27.11 13.12 -7.57
CA THR A 86 -27.73 14.06 -6.63
C THR A 86 -28.74 13.37 -5.71
N HIS A 87 -29.14 12.14 -6.02
CA HIS A 87 -30.12 11.43 -5.20
C HIS A 87 -29.60 10.00 -5.02
N THR A 88 -29.18 9.67 -3.80
CA THR A 88 -28.56 8.39 -3.52
C THR A 88 -29.13 7.83 -2.21
N THR A 89 -29.12 6.50 -2.09
CA THR A 89 -29.54 5.86 -0.86
C THR A 89 -28.92 4.47 -0.81
N SER A 90 -28.71 3.99 0.42
CA SER A 90 -28.44 2.59 0.71
C SER A 90 -29.65 1.94 1.35
N GLU A 91 -30.63 2.75 1.76
CA GLU A 91 -31.77 2.22 2.50
C GLU A 91 -32.56 1.30 1.58
N GLY A 92 -32.67 0.04 1.95
CA GLY A 92 -33.44 -0.93 1.17
C GLY A 92 -32.54 -1.92 0.43
N VAL A 93 -31.24 -1.59 0.34
CA VAL A 93 -30.28 -2.48 -0.29
C VAL A 93 -29.97 -3.62 0.66
N SER A 94 -30.14 -4.86 0.20
CA SER A 94 -29.80 -6.02 1.01
C SER A 94 -29.06 -7.06 0.17
N SER A 95 -28.45 -8.03 0.84
CA SER A 95 -27.69 -9.06 0.17
C SER A 95 -28.22 -10.42 0.54
N PRO A 96 -29.05 -11.08 -0.29
CA PRO A 96 -29.57 -12.41 0.05
C PRO A 96 -28.56 -13.53 -0.09
N ALA A 97 -27.36 -13.22 -0.60
CA ALA A 97 -26.26 -14.18 -0.66
C ALA A 97 -24.97 -13.46 -1.05
N PRO A 98 -23.79 -14.08 -0.89
CA PRO A 98 -22.52 -13.40 -1.14
C PRO A 98 -22.41 -12.74 -2.51
N GLY A 99 -22.01 -11.45 -2.54
CA GLY A 99 -21.95 -10.63 -3.75
C GLY A 99 -23.24 -10.47 -4.57
N GLU A 100 -24.38 -10.95 -4.03
CA GLU A 100 -25.71 -10.74 -4.60
C GLU A 100 -26.43 -9.59 -3.88
N LEU A 101 -27.02 -8.65 -4.64
CA LEU A 101 -27.74 -7.50 -4.08
C LEU A 101 -29.18 -7.45 -4.56
N SER A 102 -30.05 -6.92 -3.72
CA SER A 102 -31.48 -6.87 -3.97
C SER A 102 -32.05 -5.56 -3.43
N PHE A 103 -33.03 -5.01 -4.17
CA PHE A 103 -33.70 -3.79 -3.79
C PHE A 103 -35.14 -3.92 -4.23
N SER A 104 -36.09 -3.66 -3.35
CA SER A 104 -37.49 -3.74 -3.70
C SER A 104 -38.27 -2.67 -2.95
N SER A 105 -37.75 -1.45 -2.95
CA SER A 105 -38.42 -0.39 -2.22
C SER A 105 -38.38 0.91 -3.02
N PHE A 106 -38.82 0.78 -4.28
CA PHE A 106 -38.81 1.88 -5.25
C PHE A 106 -39.77 3.00 -4.86
N HIS A 107 -40.83 2.65 -4.12
CA HIS A 107 -41.82 3.58 -3.61
C HIS A 107 -41.19 4.71 -2.80
N ASN A 108 -40.02 4.49 -2.19
CA ASN A 108 -39.34 5.50 -1.43
C ASN A 108 -38.48 6.43 -2.30
N LEU A 109 -38.41 6.20 -3.61
CA LEU A 109 -37.49 6.93 -4.47
C LEU A 109 -38.29 7.84 -5.40
N LEU A 110 -37.61 8.79 -6.04
CA LEU A 110 -38.25 9.66 -6.98
C LEU A 110 -38.53 8.92 -8.28
N SER A 111 -39.32 9.55 -9.11
CA SER A 111 -39.67 9.09 -10.45
C SER A 111 -38.56 9.46 -11.42
N GLU A 112 -37.48 8.69 -11.37
CA GLU A 112 -36.38 8.80 -12.30
C GLU A 112 -35.61 7.48 -12.23
N PRO A 113 -34.74 7.21 -13.23
CA PRO A 113 -33.99 5.98 -13.23
C PRO A 113 -32.92 5.94 -12.14
N TYR A 114 -32.72 4.76 -11.58
CA TYR A 114 -31.67 4.56 -10.57
C TYR A 114 -30.67 3.53 -11.07
N PHE A 115 -29.49 3.61 -10.51
CA PHE A 115 -28.36 2.78 -10.88
C PHE A 115 -27.74 2.24 -9.60
N TRP A 116 -27.36 0.97 -9.66
CA TRP A 116 -26.37 0.47 -8.71
C TRP A 116 -25.07 1.23 -8.90
N SER A 117 -24.55 1.76 -7.80
CA SER A 117 -23.29 2.50 -7.81
C SER A 117 -22.22 1.59 -7.24
N LEU A 118 -21.30 1.14 -8.09
CA LEU A 118 -20.27 0.22 -7.63
C LEU A 118 -19.33 0.95 -6.67
N PRO A 119 -18.89 0.27 -5.59
CA PRO A 119 -18.01 0.88 -4.61
C PRO A 119 -16.56 1.04 -5.08
N ALA A 120 -15.74 1.57 -4.16
CA ALA A 120 -14.44 2.20 -4.42
C ALA A 120 -13.45 1.25 -5.11
N SER A 121 -13.54 -0.05 -4.83
CA SER A 121 -12.62 -0.99 -5.43
C SER A 121 -12.83 -1.08 -6.95
N PHE A 122 -13.98 -0.62 -7.46
CA PHE A 122 -14.30 -0.62 -8.89
C PHE A 122 -13.96 0.74 -9.52
N ARG A 123 -13.57 1.73 -8.72
CA ARG A 123 -13.34 3.07 -9.22
C ARG A 123 -11.85 3.46 -9.10
N GLY A 124 -11.57 4.75 -9.14
CA GLY A 124 -10.19 5.21 -9.13
C GLY A 124 -9.52 4.91 -10.47
N ASP A 125 -8.22 4.57 -10.37
CA ASP A 125 -7.39 4.38 -11.54
C ASP A 125 -7.55 2.96 -12.08
N LYS A 126 -8.32 2.88 -13.17
CA LYS A 126 -8.66 1.64 -13.84
C LYS A 126 -8.25 1.72 -15.32
N VAL A 127 -7.15 2.41 -15.65
CA VAL A 127 -6.68 2.39 -17.02
C VAL A 127 -6.41 0.95 -17.42
N THR A 128 -6.06 0.06 -16.46
CA THR A 128 -5.69 -1.30 -16.81
C THR A 128 -6.90 -2.15 -17.14
N SER A 129 -8.11 -1.62 -16.93
CA SER A 129 -9.33 -2.31 -17.30
C SER A 129 -9.59 -2.29 -18.81
N TYR A 130 -8.98 -1.30 -19.49
CA TYR A 130 -9.02 -1.24 -20.95
C TYR A 130 -8.71 -2.61 -21.54
N GLY A 131 -9.54 -3.04 -22.47
CA GLY A 131 -9.36 -4.29 -23.17
C GLY A 131 -9.97 -5.47 -22.40
N GLY A 132 -10.35 -5.26 -21.15
CA GLY A 132 -11.04 -6.30 -20.39
C GLY A 132 -12.55 -6.02 -20.40
N GLU A 133 -13.28 -6.63 -19.45
CA GLU A 133 -14.73 -6.59 -19.42
C GLU A 133 -15.22 -6.26 -18.01
N LEU A 134 -16.40 -5.65 -17.95
CA LEU A 134 -17.25 -5.63 -16.78
C LEU A 134 -18.37 -6.64 -16.99
N ARG A 135 -18.41 -7.65 -16.12
CA ARG A 135 -19.40 -8.71 -16.19
C ARG A 135 -20.34 -8.65 -14.97
N PHE A 136 -21.63 -8.93 -15.19
CA PHE A 136 -22.60 -8.91 -14.11
C PHE A 136 -23.90 -9.52 -14.60
N THR A 137 -24.73 -9.91 -13.62
CA THR A 137 -26.05 -10.49 -13.84
C THR A 137 -27.08 -9.56 -13.19
N VAL A 138 -28.15 -9.29 -13.93
CA VAL A 138 -29.22 -8.44 -13.42
C VAL A 138 -30.53 -9.22 -13.55
N MET A 139 -31.44 -8.94 -12.61
CA MET A 139 -32.82 -9.37 -12.71
C MET A 139 -33.71 -8.24 -12.24
N GLN A 140 -34.83 -8.03 -12.96
CA GLN A 140 -35.71 -6.92 -12.67
C GLN A 140 -37.15 -7.38 -12.89
N ARG A 141 -38.04 -6.80 -12.10
CA ARG A 141 -39.47 -6.87 -12.34
C ARG A 141 -40.03 -5.46 -12.26
N PRO A 142 -40.90 -5.10 -13.21
CA PRO A 142 -41.68 -3.88 -13.07
C PRO A 142 -42.94 -4.10 -12.24
N ARG A 143 -43.49 -3.02 -11.73
CA ARG A 143 -44.89 -3.05 -11.28
C ARG A 143 -45.87 -3.38 -12.42
N PRO A 144 -47.06 -3.92 -12.09
CA PRO A 144 -48.10 -4.23 -13.07
C PRO A 144 -48.32 -3.21 -14.23
N SER A 145 -48.44 -1.91 -13.94
CA SER A 145 -48.67 -1.00 -15.09
C SER A 145 -47.46 -0.11 -15.44
N SER A 146 -46.24 -0.66 -15.46
CA SER A 146 -45.06 0.16 -15.62
C SER A 146 -44.82 0.36 -17.12
N ALA A 147 -44.83 1.62 -17.54
CA ALA A 147 -44.39 1.98 -18.88
C ALA A 147 -42.91 1.63 -19.06
N PRO A 148 -42.56 0.90 -20.13
CA PRO A 148 -41.13 0.70 -20.44
C PRO A 148 -40.40 2.01 -20.75
N LEU A 149 -39.08 2.02 -20.56
CA LEU A 149 -38.24 3.15 -20.86
C LEU A 149 -37.45 2.80 -22.11
N HIS A 150 -37.08 3.82 -22.86
CA HIS A 150 -36.41 3.58 -24.14
C HIS A 150 -34.97 4.06 -24.07
N ARG A 151 -34.06 3.28 -24.61
CA ARG A 151 -32.67 3.73 -24.78
C ARG A 151 -32.05 4.19 -23.47
N GLN A 152 -32.28 3.47 -22.40
CA GLN A 152 -31.59 3.78 -21.16
C GLN A 152 -30.24 3.07 -21.14
N PRO A 153 -29.17 3.75 -20.68
CA PRO A 153 -27.87 3.08 -20.58
C PRO A 153 -27.89 1.96 -19.56
N LEU A 154 -27.29 0.83 -19.94
CA LEU A 154 -27.01 -0.25 -19.01
C LEU A 154 -25.91 0.13 -18.03
N VAL A 155 -24.82 0.75 -18.54
CA VAL A 155 -23.72 1.17 -17.69
C VAL A 155 -23.39 2.63 -17.99
N VAL A 156 -23.14 3.41 -16.94
CA VAL A 156 -22.58 4.74 -17.07
C VAL A 156 -21.20 4.82 -16.36
N LEU A 157 -20.18 5.31 -17.09
CA LEU A 157 -18.84 5.49 -16.57
C LEU A 157 -18.59 6.99 -16.49
N GLN A 158 -18.27 7.49 -15.28
CA GLN A 158 -18.01 8.91 -15.08
C GLN A 158 -16.62 9.07 -14.47
N GLY A 159 -15.74 9.83 -15.16
CA GLY A 159 -14.40 10.07 -14.68
C GLY A 159 -13.77 11.25 -15.44
N ASN A 160 -13.03 12.08 -14.70
CA ASN A 160 -12.25 13.15 -15.29
C ASN A 160 -13.10 13.98 -16.23
N ASN A 161 -14.31 14.30 -15.78
CA ASN A 161 -15.23 15.21 -16.47
C ASN A 161 -15.73 14.61 -17.77
N ILE A 162 -15.74 13.29 -17.86
CA ILE A 162 -16.19 12.61 -19.06
C ILE A 162 -17.29 11.66 -18.61
N VAL A 163 -18.35 11.59 -19.41
CA VAL A 163 -19.42 10.62 -19.18
C VAL A 163 -19.53 9.76 -20.41
N LEU A 164 -19.51 8.43 -20.21
CA LEU A 164 -19.72 7.50 -21.29
C LEU A 164 -20.77 6.46 -20.89
N GLU A 165 -21.52 5.98 -21.90
CA GLU A 165 -22.58 5.05 -21.64
C GLU A 165 -22.37 3.83 -22.50
N HIS A 166 -22.77 2.69 -21.99
CA HIS A 166 -22.95 1.48 -22.75
C HIS A 166 -24.42 1.10 -22.71
N HIS A 167 -24.96 0.75 -23.89
CA HIS A 167 -26.33 0.32 -24.08
C HIS A 167 -26.30 -1.16 -24.47
N ALA A 168 -27.16 -1.97 -23.88
CA ALA A 168 -27.23 -3.39 -24.21
C ALA A 168 -27.90 -3.57 -25.55
N SER A 169 -27.71 -4.72 -26.18
CA SER A 169 -28.48 -5.05 -27.37
C SER A 169 -29.89 -5.46 -26.99
N ARG A 170 -30.05 -5.99 -25.76
CA ARG A 170 -31.38 -6.38 -25.29
C ARG A 170 -31.55 -6.07 -23.80
N ASP A 171 -32.71 -5.52 -23.49
CA ASP A 171 -33.17 -5.32 -22.13
C ASP A 171 -33.41 -6.67 -21.44
N PRO A 172 -33.12 -6.78 -20.13
CA PRO A 172 -33.43 -7.99 -19.39
C PRO A 172 -34.94 -8.19 -19.27
N SER A 173 -35.36 -9.44 -19.46
CA SER A 173 -36.78 -9.74 -19.46
C SER A 173 -37.26 -9.82 -18.02
N PRO A 174 -38.50 -9.37 -17.72
CA PRO A 174 -39.05 -9.46 -16.39
C PRO A 174 -38.87 -10.82 -15.71
N GLY A 175 -38.26 -10.79 -14.53
CA GLY A 175 -38.31 -11.95 -13.65
C GLY A 175 -37.31 -13.02 -14.05
N GLN A 176 -36.32 -12.66 -14.85
CA GLN A 176 -35.30 -13.65 -15.17
C GLN A 176 -33.93 -13.01 -15.37
N PRO A 177 -32.90 -13.63 -14.76
CA PRO A 177 -31.56 -13.08 -14.73
C PRO A 177 -30.92 -13.03 -16.12
N SER A 178 -30.36 -11.87 -16.46
CA SER A 178 -29.55 -11.66 -17.66
C SER A 178 -28.08 -11.45 -17.30
N ASN A 179 -27.21 -12.26 -17.89
CA ASN A 179 -25.77 -12.01 -17.93
C ASN A 179 -25.37 -10.93 -18.93
N PHE A 180 -24.61 -9.93 -18.49
CA PHE A 180 -24.02 -8.98 -19.41
C PHE A 180 -22.49 -9.06 -19.36
N ILE A 181 -21.89 -8.74 -20.51
CA ILE A 181 -20.44 -8.66 -20.71
C ILE A 181 -20.15 -7.35 -21.39
N VAL A 182 -19.66 -6.36 -20.65
CA VAL A 182 -19.46 -5.05 -21.20
C VAL A 182 -17.95 -4.86 -21.40
N PRO A 183 -17.45 -4.79 -22.65
CA PRO A 183 -16.04 -4.57 -22.89
C PRO A 183 -15.64 -3.12 -22.65
N PHE A 184 -14.47 -2.93 -22.05
CA PHE A 184 -13.84 -1.62 -22.00
C PHE A 184 -13.00 -1.45 -23.27
N GLN A 185 -13.74 -1.17 -24.35
CA GLN A 185 -13.25 -0.91 -25.68
C GLN A 185 -14.15 0.18 -26.25
N GLU A 186 -13.57 1.19 -26.91
CA GLU A 186 -14.30 2.39 -27.26
C GLU A 186 -15.54 2.13 -28.13
N GLN A 187 -15.56 1.08 -28.94
CA GLN A 187 -16.69 0.77 -29.79
C GLN A 187 -17.93 0.43 -28.96
N ALA A 188 -17.77 0.03 -27.70
CA ALA A 188 -18.93 -0.39 -26.91
C ALA A 188 -19.51 0.77 -26.10
N TRP A 189 -18.97 2.01 -26.27
CA TRP A 189 -19.36 3.14 -25.45
C TRP A 189 -19.68 4.34 -26.31
N GLN A 190 -20.60 5.19 -25.85
CA GLN A 190 -20.90 6.43 -26.53
C GLN A 190 -21.01 7.56 -25.52
N ARG A 191 -20.92 8.78 -26.04
CA ARG A 191 -21.25 9.93 -25.22
C ARG A 191 -22.76 9.90 -25.00
N PRO A 192 -23.32 10.66 -24.04
CA PRO A 192 -24.78 10.77 -23.89
C PRO A 192 -25.54 11.15 -25.16
N ASP A 193 -24.92 11.92 -26.07
CA ASP A 193 -25.62 12.32 -27.28
C ASP A 193 -25.54 11.23 -28.36
N GLY A 194 -25.00 10.06 -28.01
CA GLY A 194 -24.94 8.94 -28.95
C GLY A 194 -23.72 9.00 -29.91
N GLN A 195 -22.86 10.02 -29.81
CA GLN A 195 -21.60 10.04 -30.56
C GLN A 195 -20.63 8.96 -30.05
N PRO A 196 -19.88 8.27 -30.93
CA PRO A 196 -18.96 7.21 -30.50
C PRO A 196 -17.89 7.73 -29.54
N ALA A 197 -17.57 6.91 -28.55
CA ALA A 197 -16.44 7.20 -27.66
C ALA A 197 -15.13 7.08 -28.44
N THR A 198 -14.14 7.90 -28.08
CA THR A 198 -12.76 7.69 -28.55
C THR A 198 -11.98 6.89 -27.50
N ARG A 199 -10.89 6.25 -27.95
CA ARG A 199 -9.91 5.59 -27.09
C ARG A 199 -9.41 6.57 -26.03
N GLU A 200 -9.03 7.75 -26.48
CA GLU A 200 -8.50 8.74 -25.55
C GLU A 200 -9.50 9.02 -24.43
N HIS A 201 -10.79 9.24 -24.77
CA HIS A 201 -11.77 9.65 -23.75
C HIS A 201 -12.09 8.49 -22.82
N LEU A 202 -12.20 7.27 -23.36
CA LEU A 202 -12.42 6.12 -22.51
C LEU A 202 -11.25 5.96 -21.55
N LEU A 203 -10.01 6.12 -22.05
CA LEU A 203 -8.86 5.95 -21.16
C LEU A 203 -8.86 7.06 -20.11
N MET A 204 -9.19 8.29 -20.50
CA MET A 204 -9.18 9.36 -19.50
C MET A 204 -10.23 9.10 -18.41
N ALA A 205 -11.40 8.58 -18.77
CA ALA A 205 -12.44 8.32 -17.78
C ALA A 205 -12.02 7.17 -16.86
N LEU A 206 -11.49 6.10 -17.46
CA LEU A 206 -11.02 4.95 -16.71
C LEU A 206 -9.90 5.32 -15.73
N ALA A 207 -9.13 6.35 -16.04
CA ALA A 207 -7.97 6.71 -15.22
C ALA A 207 -8.38 7.35 -13.91
N GLY A 208 -9.63 7.81 -13.85
CA GLY A 208 -10.10 8.49 -12.65
C GLY A 208 -11.60 8.30 -12.47
N ILE A 209 -12.01 7.04 -12.27
CA ILE A 209 -13.41 6.72 -12.21
C ILE A 209 -13.98 7.33 -10.94
N ASP A 210 -14.97 8.22 -11.11
CA ASP A 210 -15.72 8.84 -10.03
C ASP A 210 -16.97 8.06 -9.74
N ALA A 211 -17.57 7.44 -10.76
CA ALA A 211 -18.70 6.57 -10.56
C ALA A 211 -18.81 5.56 -11.67
N LEU A 212 -19.19 4.34 -11.33
CA LEU A 212 -19.49 3.31 -12.30
C LEU A 212 -20.86 2.72 -11.94
N LEU A 213 -21.85 3.04 -12.79
CA LEU A 213 -23.27 2.86 -12.45
C LEU A 213 -23.87 1.78 -13.34
N ILE A 214 -24.58 0.82 -12.76
CA ILE A 214 -25.30 -0.18 -13.53
C ILE A 214 -26.80 0.05 -13.34
N GLN A 215 -27.54 0.05 -14.47
CA GLN A 215 -28.98 0.29 -14.47
C GLN A 215 -29.67 -0.62 -13.46
N ALA A 216 -30.50 -0.02 -12.62
CA ALA A 216 -31.28 -0.74 -11.62
C ALA A 216 -32.80 -0.63 -11.86
N SER A 217 -33.26 0.41 -12.58
CA SER A 217 -34.70 0.68 -12.73
C SER A 217 -35.31 -0.05 -13.92
N TYR A 218 -34.79 0.22 -15.15
CA TYR A 218 -35.17 -0.43 -16.40
C TYR A 218 -36.52 0.11 -16.89
N THR A 219 -37.55 0.14 -16.01
CA THR A 219 -38.86 0.61 -16.41
C THR A 219 -39.19 1.85 -15.58
N GLN A 220 -40.33 2.45 -15.92
CA GLN A 220 -40.71 3.71 -15.35
C GLN A 220 -41.15 3.53 -13.89
N GLN A 221 -41.72 2.34 -13.58
CA GLN A 221 -42.18 2.01 -12.23
C GLN A 221 -41.68 0.61 -11.86
N PRO A 222 -40.40 0.50 -11.44
CA PRO A 222 -39.83 -0.81 -11.13
C PRO A 222 -40.39 -1.34 -9.82
N ALA A 223 -40.48 -2.67 -9.70
CA ALA A 223 -40.89 -3.28 -8.44
C ALA A 223 -39.68 -3.85 -7.68
N GLU A 224 -38.72 -4.40 -8.42
CA GLU A 224 -37.66 -5.24 -7.87
C GLU A 224 -36.46 -5.17 -8.79
N SER A 225 -35.27 -5.07 -8.20
CA SER A 225 -34.01 -5.09 -8.93
C SER A 225 -32.97 -5.88 -8.15
N ARG A 226 -32.22 -6.71 -8.86
CA ARG A 226 -31.18 -7.55 -8.29
C ARG A 226 -29.94 -7.49 -9.15
N LEU A 227 -28.77 -7.55 -8.48
CA LEU A 227 -27.47 -7.49 -9.12
C LEU A 227 -26.57 -8.55 -8.48
N SER A 228 -25.88 -9.33 -9.33
CA SER A 228 -25.00 -10.38 -8.86
C SER A 228 -23.89 -10.69 -9.86
N GLY A 229 -22.93 -11.53 -9.42
CA GLY A 229 -21.85 -12.05 -10.24
C GLY A 229 -21.06 -10.92 -10.91
N ILE A 230 -20.71 -9.90 -10.14
CA ILE A 230 -20.02 -8.74 -10.64
C ILE A 230 -18.53 -9.08 -10.70
N SER A 231 -17.91 -8.79 -11.85
CA SER A 231 -16.50 -9.07 -12.14
C SER A 231 -15.99 -7.98 -13.04
N MET A 232 -14.96 -7.27 -12.60
CA MET A 232 -14.33 -6.26 -13.42
C MET A 232 -12.87 -6.64 -13.64
N ASP A 233 -12.48 -6.77 -14.92
CA ASP A 233 -11.10 -7.00 -15.27
C ASP A 233 -10.25 -5.78 -14.96
N VAL A 234 -9.05 -6.07 -14.43
CA VAL A 234 -7.96 -5.12 -14.24
C VAL A 234 -6.65 -5.80 -14.64
N ALA A 235 -5.53 -5.14 -14.41
CA ALA A 235 -4.23 -5.81 -14.54
C ALA A 235 -3.36 -5.46 -13.38
N VAL A 236 -2.49 -6.39 -12.99
CA VAL A 236 -1.61 -6.20 -11.84
C VAL A 236 -0.18 -6.58 -12.24
N PRO A 237 0.84 -5.95 -11.62
CA PRO A 237 2.23 -6.28 -11.92
C PRO A 237 2.60 -7.70 -11.47
N GLU A 238 1.92 -8.22 -10.45
CA GLU A 238 2.19 -9.60 -10.05
C GLU A 238 1.77 -10.57 -11.13
N ASN A 239 2.46 -11.68 -11.22
CA ASN A 239 2.04 -12.80 -12.07
C ASN A 239 0.83 -13.51 -11.46
N THR A 240 -0.29 -13.59 -12.21
CA THR A 240 -1.51 -14.22 -11.73
C THR A 240 -1.71 -15.62 -12.33
N GLY A 241 -1.05 -15.89 -13.47
CA GLY A 241 -1.29 -17.09 -14.27
C GLY A 241 -2.37 -16.84 -15.32
N GLN A 242 -2.97 -15.65 -15.34
CA GLN A 242 -3.89 -15.34 -16.42
C GLN A 242 -3.07 -14.74 -17.56
N ASP A 243 -3.73 -14.52 -18.68
CA ASP A 243 -3.15 -13.83 -19.81
C ASP A 243 -2.64 -12.46 -19.40
N SER A 244 -1.62 -11.97 -20.11
CA SER A 244 -1.12 -10.63 -19.90
C SER A 244 -2.10 -9.68 -20.54
N ALA A 245 -2.12 -8.45 -20.03
CA ALA A 245 -3.02 -7.43 -20.46
C ALA A 245 -2.43 -6.72 -21.66
N ARG A 246 -2.42 -7.37 -22.80
CA ARG A 246 -1.77 -6.89 -24.01
C ARG A 246 -2.42 -5.63 -24.59
N GLU A 247 -3.72 -5.41 -24.33
CA GLU A 247 -4.46 -4.24 -24.82
C GLU A 247 -4.16 -2.99 -23.99
N VAL A 248 -3.47 -3.20 -22.85
CA VAL A 248 -3.14 -2.13 -21.95
C VAL A 248 -1.78 -1.59 -22.40
N GLU A 249 -1.73 -0.28 -22.64
CA GLU A 249 -0.50 0.35 -23.05
C GLU A 249 0.42 0.49 -21.85
N GLN A 250 1.71 0.16 -22.05
CA GLN A 250 2.76 0.51 -21.12
C GLN A 250 3.66 1.52 -21.81
N CYS A 251 3.53 2.79 -21.41
CA CYS A 251 4.19 3.89 -22.06
C CYS A 251 5.61 4.03 -21.50
N THR A 252 6.55 4.56 -22.29
CA THR A 252 7.72 5.21 -21.74
C THR A 252 7.38 6.66 -21.43
N CYS A 253 7.28 7.02 -20.16
CA CYS A 253 6.83 8.35 -19.80
C CYS A 253 8.01 9.29 -19.70
N PRO A 254 7.83 10.60 -19.95
CA PRO A 254 8.87 11.56 -19.65
C PRO A 254 9.02 11.80 -18.16
N PRO A 255 10.15 12.42 -17.72
CA PRO A 255 10.31 12.80 -16.33
C PRO A 255 9.06 13.50 -15.77
N GLY A 256 8.67 13.10 -14.57
CA GLY A 256 7.52 13.70 -13.92
C GLY A 256 6.25 12.85 -13.98
N TYR A 257 6.23 11.77 -14.75
CA TYR A 257 5.01 10.98 -14.97
C TYR A 257 5.28 9.51 -14.65
N ARG A 258 4.23 8.81 -14.22
CA ARG A 258 4.29 7.37 -14.05
C ARG A 258 2.90 6.80 -14.26
N GLY A 259 2.82 5.47 -14.13
CA GLY A 259 1.62 4.72 -14.47
C GLY A 259 1.71 4.25 -15.92
N PRO A 260 1.03 3.17 -16.29
CA PRO A 260 1.17 2.61 -17.64
C PRO A 260 0.84 3.59 -18.77
N SER A 261 -0.03 4.58 -18.51
CA SER A 261 -0.45 5.55 -19.50
C SER A 261 0.09 6.93 -19.14
N CYS A 262 1.13 7.00 -18.30
CA CYS A 262 1.62 8.26 -17.82
C CYS A 262 0.49 9.12 -17.24
N GLN A 263 -0.45 8.48 -16.54
CA GLN A 263 -1.65 9.15 -16.05
C GLN A 263 -1.47 9.74 -14.66
N ASP A 264 -0.34 9.43 -13.98
CA ASP A 264 -0.08 9.91 -12.63
C ASP A 264 1.21 10.74 -12.63
N CYS A 265 1.23 11.78 -11.78
CA CYS A 265 2.45 12.50 -11.47
C CYS A 265 3.32 11.58 -10.61
N ASP A 266 4.63 11.64 -10.86
CA ASP A 266 5.61 10.81 -10.18
C ASP A 266 6.02 11.52 -8.89
N THR A 267 6.72 10.79 -8.02
CA THR A 267 7.38 11.34 -6.84
C THR A 267 8.10 12.64 -7.20
N GLY A 268 7.78 13.70 -6.46
CA GLY A 268 8.39 15.00 -6.64
C GLY A 268 7.63 15.89 -7.62
N TYR A 269 6.52 15.39 -8.17
CA TYR A 269 5.77 16.14 -9.18
C TYR A 269 4.30 16.22 -8.79
N THR A 270 3.62 17.22 -9.35
CA THR A 270 2.23 17.42 -9.03
C THR A 270 1.50 18.00 -10.25
N ARG A 271 0.19 17.79 -10.30
CA ARG A 271 -0.63 18.13 -11.44
C ARG A 271 -0.76 19.64 -11.61
N VAL A 272 -0.62 20.07 -12.86
CA VAL A 272 -0.93 21.43 -13.30
C VAL A 272 -2.06 21.30 -14.32
N PRO A 273 -3.14 22.11 -14.20
CA PRO A 273 -4.35 21.90 -14.99
C PRO A 273 -4.19 22.17 -16.49
N SER A 274 -3.06 22.78 -16.89
CA SER A 274 -2.72 23.06 -18.28
C SER A 274 -3.41 22.07 -19.24
N GLY A 275 -4.29 22.59 -20.11
CA GLY A 275 -5.62 22.03 -20.30
C GLY A 275 -5.78 20.88 -21.29
N LEU A 276 -4.69 20.29 -21.82
CA LEU A 276 -4.79 19.14 -22.71
C LEU A 276 -4.82 17.82 -21.94
N TYR A 277 -5.83 16.97 -22.21
CA TYR A 277 -6.01 15.69 -21.51
C TYR A 277 -6.06 15.94 -20.00
N LEU A 278 -5.22 15.24 -19.21
CA LEU A 278 -5.30 15.32 -17.76
C LEU A 278 -4.51 16.50 -17.24
N GLY A 279 -3.72 17.16 -18.08
CA GLY A 279 -2.84 18.23 -17.65
C GLY A 279 -1.40 17.72 -17.59
N THR A 280 -0.51 18.53 -16.99
CA THR A 280 0.91 18.19 -16.92
C THR A 280 1.32 18.00 -15.47
N CYS A 281 2.51 17.46 -15.29
CA CYS A 281 3.11 17.26 -13.98
C CYS A 281 4.34 18.15 -13.87
N GLU A 282 4.38 19.04 -12.86
CA GLU A 282 5.53 19.89 -12.62
C GLU A 282 6.07 19.66 -11.21
N ARG A 283 7.29 20.12 -10.95
CA ARG A 283 7.95 19.89 -9.68
C ARG A 283 7.15 20.48 -8.52
N CYS A 284 7.03 19.72 -7.42
CA CYS A 284 6.46 20.24 -6.17
C CYS A 284 7.01 21.63 -5.87
N ASN A 285 6.17 22.55 -5.37
CA ASN A 285 6.64 23.84 -4.91
C ASN A 285 6.51 23.88 -3.39
N CYS A 286 7.62 23.58 -2.70
CA CYS A 286 7.63 23.45 -1.25
C CYS A 286 8.63 24.42 -0.62
N HIS A 287 8.97 25.52 -1.31
CA HIS A 287 9.92 26.50 -0.82
C HIS A 287 11.21 25.85 -0.28
N GLY A 288 11.64 24.73 -0.87
CA GLY A 288 12.92 24.13 -0.54
C GLY A 288 12.87 23.29 0.73
N HIS A 289 11.68 23.00 1.27
CA HIS A 289 11.57 22.34 2.56
C HIS A 289 11.05 20.91 2.41
N SER A 290 10.70 20.52 1.18
CA SER A 290 10.30 19.15 0.90
C SER A 290 10.51 18.90 -0.58
N GLU A 291 10.63 17.61 -0.92
CA GLU A 291 10.71 17.20 -2.31
C GLU A 291 9.53 16.28 -2.65
N THR A 292 8.58 16.14 -1.72
CA THR A 292 7.44 15.27 -1.95
C THR A 292 6.16 16.04 -1.63
N CYS A 293 5.08 15.70 -2.35
CA CYS A 293 3.82 16.40 -2.27
C CYS A 293 2.71 15.54 -2.88
N GLU A 294 1.47 15.85 -2.50
CA GLU A 294 0.28 15.17 -3.00
C GLU A 294 0.24 15.36 -4.51
N PRO A 295 0.19 14.25 -5.31
CA PRO A 295 0.35 14.36 -6.76
C PRO A 295 -0.72 15.16 -7.48
N GLU A 296 -1.94 15.20 -6.92
CA GLU A 296 -3.08 15.80 -7.58
C GLU A 296 -3.41 17.19 -7.00
N THR A 297 -3.07 17.45 -5.72
CA THR A 297 -3.43 18.72 -5.07
C THR A 297 -2.24 19.66 -4.92
N GLY A 298 -1.04 19.11 -4.74
CA GLY A 298 0.17 19.91 -4.63
C GLY A 298 0.60 20.10 -3.18
N ALA A 299 -0.21 19.60 -2.25
CA ALA A 299 0.02 19.84 -0.83
C ALA A 299 1.29 19.11 -0.39
N CYS A 300 2.27 19.89 0.08
CA CYS A 300 3.58 19.36 0.43
C CYS A 300 3.44 18.38 1.59
N GLN A 301 4.36 17.42 1.67
CA GLN A 301 4.32 16.40 2.71
C GLN A 301 5.68 16.34 3.41
N SER A 302 5.63 16.12 4.74
CA SER A 302 6.81 16.03 5.58
C SER A 302 7.71 17.25 5.39
N CYS A 303 7.14 18.46 5.56
CA CYS A 303 7.94 19.67 5.50
C CYS A 303 9.07 19.58 6.52
N GLN A 304 10.29 19.95 6.11
CA GLN A 304 11.48 19.90 6.94
C GLN A 304 11.72 21.28 7.52
N HIS A 305 12.74 21.39 8.38
CA HIS A 305 13.29 22.68 8.81
C HIS A 305 12.28 23.43 9.66
N HIS A 306 11.41 22.69 10.36
CA HIS A 306 10.43 23.23 11.28
C HIS A 306 9.44 24.14 10.55
N THR A 307 9.03 23.72 9.35
CA THR A 307 8.04 24.45 8.55
C THR A 307 6.77 23.63 8.48
N GLU A 308 5.69 24.25 7.96
CA GLU A 308 4.43 23.59 7.74
C GLU A 308 3.63 24.42 6.73
N GLY A 309 2.45 23.92 6.34
CA GLY A 309 1.61 24.56 5.34
C GLY A 309 1.64 23.76 4.03
N ALA A 310 0.74 24.13 3.12
CA ALA A 310 0.53 23.41 1.87
C ALA A 310 1.74 23.52 0.95
N SER A 311 2.53 24.59 1.13
N SER A 311 2.52 24.59 1.12
CA SER A 311 3.76 24.79 0.38
CA SER A 311 3.76 24.79 0.38
C SER A 311 4.94 25.00 1.32
C SER A 311 4.94 25.00 1.32
N CYS A 312 4.84 24.44 2.53
CA CYS A 312 5.81 24.65 3.61
C CYS A 312 6.14 26.14 3.79
N GLU A 313 5.12 27.01 3.68
CA GLU A 313 5.33 28.45 3.60
C GLU A 313 5.29 29.13 4.97
N GLN A 314 5.05 28.37 6.04
CA GLN A 314 5.01 28.92 7.38
C GLN A 314 5.95 28.16 8.32
N CYS A 315 6.50 28.88 9.28
CA CYS A 315 7.19 28.28 10.40
C CYS A 315 6.17 27.66 11.36
N GLN A 316 6.53 26.54 11.98
CA GLN A 316 5.67 25.83 12.93
C GLN A 316 5.48 26.65 14.19
N PRO A 317 4.43 26.37 15.01
CA PRO A 317 4.34 26.94 16.35
C PRO A 317 5.59 26.65 17.18
N GLY A 318 6.15 27.69 17.78
CA GLY A 318 7.36 27.58 18.58
C GLY A 318 8.59 28.04 17.81
N TYR A 319 8.41 28.41 16.55
CA TYR A 319 9.47 28.91 15.69
C TYR A 319 8.99 30.20 15.01
N TYR A 320 9.93 30.92 14.39
CA TYR A 320 9.61 32.12 13.63
C TYR A 320 10.62 32.28 12.49
N GLY A 321 10.22 33.02 11.45
CA GLY A 321 11.08 33.37 10.34
C GLY A 321 10.25 33.48 9.06
N ASP A 322 10.94 33.66 7.93
CA ASP A 322 10.31 33.68 6.61
C ASP A 322 10.61 32.36 5.92
N ALA A 323 9.66 31.42 5.98
CA ALA A 323 9.87 30.08 5.46
C ALA A 323 9.88 30.08 3.93
N GLN A 324 9.51 31.21 3.32
CA GLN A 324 9.46 31.31 1.87
C GLN A 324 10.83 31.62 1.28
N ARG A 325 11.85 31.86 2.11
CA ARG A 325 13.17 32.21 1.59
C ARG A 325 13.85 30.97 1.02
N GLY A 326 13.68 29.82 1.68
CA GLY A 326 14.01 28.53 1.07
C GLY A 326 15.23 27.85 1.70
N THR A 327 15.78 28.40 2.78
CA THR A 327 16.99 27.83 3.39
C THR A 327 16.59 26.89 4.53
N PRO A 328 17.49 25.98 4.98
CA PRO A 328 17.20 25.14 6.14
C PRO A 328 17.09 25.88 7.48
N GLN A 329 17.59 27.13 7.54
CA GLN A 329 17.58 27.90 8.78
C GLN A 329 16.61 29.09 8.67
N ASP A 330 15.54 28.93 7.88
CA ASP A 330 14.49 29.93 7.78
C ASP A 330 13.83 30.17 9.12
N CYS A 331 13.53 29.06 9.82
CA CYS A 331 12.73 29.05 11.03
C CYS A 331 13.61 28.81 12.25
N GLN A 332 13.67 29.80 13.15
CA GLN A 332 14.43 29.72 14.37
C GLN A 332 13.48 29.53 15.54
N PRO A 333 13.91 28.88 16.65
CA PRO A 333 13.05 28.70 17.82
C PRO A 333 12.76 30.01 18.54
N CYS A 334 11.59 30.08 19.18
CA CYS A 334 11.11 31.30 19.83
C CYS A 334 11.90 31.56 21.11
N PRO A 335 12.55 32.74 21.27
CA PRO A 335 13.29 33.05 22.49
C PRO A 335 12.43 33.67 23.59
N CYS A 336 11.40 32.93 24.02
CA CYS A 336 10.40 33.45 24.95
C CYS A 336 10.60 32.79 26.32
N TYR A 337 10.71 33.62 27.36
CA TYR A 337 10.91 33.12 28.72
C TYR A 337 9.55 32.82 29.36
N GLY A 338 9.60 31.99 30.42
CA GLY A 338 8.49 31.80 31.33
C GLY A 338 7.48 30.79 30.78
N ALA A 339 6.34 30.73 31.47
CA ALA A 339 5.25 29.85 31.09
C ALA A 339 4.34 30.58 30.10
N PRO A 340 3.82 29.87 29.07
CA PRO A 340 2.77 30.39 28.21
C PRO A 340 1.49 30.84 28.89
N ALA A 341 0.82 31.84 28.28
CA ALA A 341 -0.51 32.28 28.67
C ALA A 341 -1.52 31.15 28.46
N ALA A 342 -2.74 31.35 28.99
CA ALA A 342 -3.85 30.41 28.84
C ALA A 342 -3.38 28.98 29.12
N GLY A 343 -2.61 28.83 30.21
CA GLY A 343 -2.00 27.57 30.61
C GLY A 343 -1.63 26.68 29.42
N GLN A 344 -1.15 27.31 28.34
CA GLN A 344 -0.88 26.61 27.10
C GLN A 344 0.52 26.00 27.23
N ALA A 345 0.95 25.20 26.25
CA ALA A 345 2.09 24.32 26.40
C ALA A 345 3.34 24.86 25.73
N ALA A 346 3.21 25.37 24.49
CA ALA A 346 4.31 25.98 23.77
C ALA A 346 4.17 27.50 23.71
N HIS A 347 5.33 28.19 23.68
CA HIS A 347 5.37 29.60 23.31
C HIS A 347 5.12 29.72 21.81
N THR A 348 4.41 30.79 21.43
CA THR A 348 4.40 31.25 20.04
C THR A 348 5.12 32.61 19.97
N CYS A 349 5.69 32.87 18.79
CA CYS A 349 6.22 34.17 18.43
C CYS A 349 6.18 34.33 16.91
N PHE A 350 6.41 35.56 16.43
CA PHE A 350 6.36 35.83 15.00
C PHE A 350 7.54 36.74 14.65
N LEU A 351 7.91 36.70 13.36
CA LEU A 351 8.91 37.59 12.80
C LEU A 351 8.30 38.98 12.62
N ASP A 352 8.70 39.92 13.43
CA ASP A 352 8.07 41.22 13.41
C ASP A 352 8.58 41.95 12.17
N THR A 353 8.06 43.16 11.91
CA THR A 353 8.32 43.83 10.66
C THR A 353 9.66 44.56 10.73
N ASP A 354 10.39 44.42 11.84
CA ASP A 354 11.74 44.98 11.98
C ASP A 354 12.78 43.86 11.84
N GLY A 355 12.34 42.67 11.49
CA GLY A 355 13.26 41.56 11.31
C GLY A 355 13.61 40.81 12.59
N HIS A 356 13.02 41.19 13.73
CA HIS A 356 13.29 40.50 14.98
C HIS A 356 12.04 39.80 15.51
N PRO A 357 12.20 38.73 16.33
CA PRO A 357 11.05 38.00 16.85
C PRO A 357 10.30 38.76 17.95
N THR A 358 8.97 38.60 17.96
CA THR A 358 8.14 39.08 19.04
C THR A 358 7.30 37.91 19.55
N CYS A 359 7.41 37.69 20.87
CA CYS A 359 6.65 36.67 21.59
C CYS A 359 5.24 37.16 21.87
N ASP A 360 4.23 36.36 21.51
CA ASP A 360 2.85 36.80 21.61
C ASP A 360 1.99 35.86 22.47
N SER A 361 2.63 35.01 23.30
CA SER A 361 1.90 34.26 24.30
C SER A 361 2.62 34.33 25.64
N CYS A 362 3.15 35.51 25.98
CA CYS A 362 3.73 35.72 27.28
C CYS A 362 2.67 35.51 28.35
N SER A 363 3.10 35.18 29.58
CA SER A 363 2.17 35.02 30.68
C SER A 363 1.76 36.40 31.17
N PRO A 364 0.60 36.54 31.84
CA PRO A 364 0.29 37.80 32.50
C PRO A 364 1.38 38.15 33.50
N GLY A 365 1.70 39.44 33.61
CA GLY A 365 2.80 39.87 34.47
C GLY A 365 4.16 39.91 33.76
N HIS A 366 4.32 39.10 32.70
CA HIS A 366 5.48 39.22 31.80
C HIS A 366 5.28 40.37 30.79
N SER A 367 6.35 41.15 30.58
CA SER A 367 6.45 42.18 29.54
C SER A 367 7.58 41.86 28.57
N GLY A 368 7.73 42.72 27.54
CA GLY A 368 8.86 42.72 26.61
C GLY A 368 8.74 41.65 25.54
N ARG A 369 9.54 41.76 24.47
CA ARG A 369 9.37 40.94 23.27
C ARG A 369 9.77 39.49 23.47
N HIS A 370 10.58 39.22 24.50
CA HIS A 370 11.02 37.88 24.83
C HIS A 370 10.34 37.36 26.10
N CYS A 371 9.35 38.11 26.62
CA CYS A 371 8.69 37.80 27.88
C CYS A 371 9.72 37.88 29.02
N GLU A 372 10.63 38.86 28.97
CA GLU A 372 11.88 38.83 29.72
C GLU A 372 11.84 39.73 30.96
N ARG A 373 10.85 40.61 31.08
CA ARG A 373 10.68 41.41 32.28
C ARG A 373 9.33 41.05 32.88
N CYS A 374 9.02 41.66 34.03
CA CYS A 374 7.69 41.54 34.63
C CYS A 374 7.01 42.92 34.58
N ALA A 375 5.67 42.89 34.42
CA ALA A 375 4.86 44.08 34.21
C ALA A 375 4.62 44.83 35.52
N PRO A 376 4.34 46.17 35.50
CA PRO A 376 4.08 46.93 36.72
C PRO A 376 2.96 46.34 37.58
N GLY A 377 3.12 46.45 38.91
CA GLY A 377 2.36 45.66 39.87
C GLY A 377 2.62 44.15 39.74
N TYR A 378 3.85 43.79 39.31
CA TYR A 378 4.37 42.42 39.33
C TYR A 378 5.86 42.46 39.63
N TYR A 379 6.42 41.30 40.01
CA TYR A 379 7.79 41.24 40.53
C TYR A 379 8.40 39.89 40.15
N GLY A 380 9.72 39.90 39.95
CA GLY A 380 10.43 38.75 39.40
C GLY A 380 11.40 39.17 38.31
N ASN A 381 12.23 38.22 37.87
CA ASN A 381 13.19 38.46 36.81
C ASN A 381 13.29 37.18 35.98
N PRO A 382 12.51 37.04 34.88
CA PRO A 382 12.44 35.81 34.11
C PRO A 382 13.76 35.37 33.45
N SER A 383 14.67 36.34 33.25
CA SER A 383 15.95 36.05 32.64
C SER A 383 16.84 35.25 33.60
N GLN A 384 16.49 35.27 34.89
CA GLN A 384 17.24 34.53 35.91
C GLN A 384 16.35 33.47 36.57
N GLY A 385 15.46 32.85 35.79
CA GLY A 385 14.68 31.70 36.25
C GLY A 385 13.43 32.11 37.05
N GLN A 386 13.51 33.25 37.74
CA GLN A 386 12.45 33.71 38.63
C GLN A 386 11.19 33.96 37.80
N PRO A 387 9.97 33.61 38.26
CA PRO A 387 8.75 33.95 37.53
C PRO A 387 8.15 35.27 38.01
N CYS A 388 6.99 35.62 37.45
CA CYS A 388 6.30 36.84 37.85
C CYS A 388 5.08 36.47 38.70
N HIS A 389 5.08 36.91 39.96
CA HIS A 389 3.90 36.93 40.79
C HIS A 389 3.51 38.38 41.07
N ARG A 390 2.21 38.58 41.29
CA ARG A 390 1.64 39.91 41.50
C ARG A 390 2.14 40.45 42.84
N ASP A 391 2.42 41.75 42.90
CA ASP A 391 2.79 42.39 44.15
C ASP A 391 1.73 42.08 45.20
N GLY A 392 2.14 41.76 46.43
CA GLY A 392 1.23 41.61 47.54
C GLY A 392 0.98 40.15 47.89
N GLN A 393 1.06 39.26 46.90
CA GLN A 393 0.85 37.84 47.10
C GLN A 393 2.16 37.19 47.54
N VAL A 394 2.11 35.89 47.85
CA VAL A 394 3.27 35.15 48.36
C VAL A 394 4.04 34.58 47.16
N PRO A 395 5.40 34.54 47.13
CA PRO A 395 6.29 35.07 48.18
C PRO A 395 6.87 36.46 47.92
N ILE B 1 -20.05 -45.46 16.01
CA ILE B 1 -18.66 -44.96 15.79
C ILE B 1 -18.77 -43.49 15.39
N VAL B 2 -17.74 -42.71 15.74
CA VAL B 2 -17.77 -41.26 15.63
C VAL B 2 -16.76 -40.85 14.57
N ARG B 3 -17.14 -39.86 13.74
CA ARG B 3 -16.43 -39.53 12.52
C ARG B 3 -15.53 -38.33 12.79
N CYS B 4 -14.37 -38.59 13.38
CA CYS B 4 -13.47 -37.53 13.79
C CYS B 4 -12.86 -36.85 12.56
N ASP B 5 -12.55 -35.57 12.67
CA ASP B 5 -12.05 -34.81 11.56
C ASP B 5 -10.55 -35.11 11.37
N GLU B 6 -10.19 -35.56 10.16
CA GLU B 6 -8.84 -35.95 9.83
C GLU B 6 -7.89 -34.77 9.96
N ARG B 7 -8.39 -33.54 9.82
CA ARG B 7 -7.50 -32.39 9.94
C ARG B 7 -7.18 -32.08 11.40
N GLY B 8 -8.19 -32.11 12.31
CA GLY B 8 -7.97 -31.55 13.63
C GLY B 8 -7.79 -32.59 14.74
N SER B 9 -8.09 -33.89 14.47
CA SER B 9 -7.92 -34.96 15.45
C SER B 9 -6.48 -35.50 15.49
N LEU B 10 -5.97 -35.80 16.70
CA LEU B 10 -4.75 -36.56 16.89
C LEU B 10 -5.08 -38.05 16.96
N GLY B 11 -6.32 -38.37 17.31
CA GLY B 11 -6.71 -39.74 17.56
C GLY B 11 -8.12 -39.82 18.12
N THR B 12 -8.58 -41.05 18.37
CA THR B 12 -9.96 -41.29 18.76
C THR B 12 -9.96 -42.39 19.83
N SER B 13 -10.51 -42.05 21.00
CA SER B 13 -10.76 -43.01 22.06
C SER B 13 -12.12 -43.64 21.81
N GLY B 14 -12.28 -44.25 20.64
CA GLY B 14 -13.44 -45.08 20.36
C GLY B 14 -14.68 -44.24 20.03
N GLU B 15 -15.26 -43.63 21.09
CA GLU B 15 -16.49 -42.86 20.97
C GLU B 15 -16.25 -41.35 21.16
N THR B 16 -14.99 -40.94 21.32
CA THR B 16 -14.64 -39.53 21.40
C THR B 16 -13.41 -39.27 20.54
N CYS B 17 -13.21 -37.98 20.20
CA CYS B 17 -12.11 -37.52 19.37
C CYS B 17 -11.13 -36.74 20.23
N ARG B 18 -9.84 -36.95 20.01
CA ARG B 18 -8.79 -36.20 20.69
C ARG B 18 -8.26 -35.17 19.71
N CYS B 19 -8.23 -33.90 20.14
CA CYS B 19 -7.98 -32.80 19.22
C CYS B 19 -6.54 -32.32 19.31
N LYS B 20 -6.08 -31.72 18.21
CA LYS B 20 -4.82 -30.99 18.19
C LYS B 20 -4.95 -29.73 19.05
N ASN B 21 -3.82 -29.06 19.27
CA ASN B 21 -3.70 -28.10 20.35
C ASN B 21 -4.68 -26.95 20.18
N ASN B 22 -4.87 -26.52 18.95
CA ASN B 22 -5.65 -25.32 18.70
C ASN B 22 -6.99 -25.66 18.06
N VAL B 23 -7.56 -26.82 18.42
CA VAL B 23 -8.78 -27.33 17.82
C VAL B 23 -9.77 -27.68 18.93
N VAL B 24 -11.07 -27.45 18.64
CA VAL B 24 -12.18 -27.70 19.53
C VAL B 24 -13.32 -28.33 18.72
N GLY B 25 -14.43 -28.65 19.42
CA GLY B 25 -15.59 -29.30 18.85
C GLY B 25 -15.59 -30.81 19.14
N ARG B 26 -16.77 -31.40 19.21
CA ARG B 26 -16.91 -32.82 19.41
CA ARG B 26 -16.91 -32.83 19.42
C ARG B 26 -16.03 -33.60 18.45
N LEU B 27 -16.00 -33.17 17.18
CA LEU B 27 -15.34 -33.90 16.11
C LEU B 27 -13.98 -33.28 15.79
N CYS B 28 -13.50 -32.34 16.63
CA CYS B 28 -12.23 -31.66 16.38
C CYS B 28 -12.17 -31.03 14.99
N ASN B 29 -13.23 -30.28 14.64
CA ASN B 29 -13.35 -29.68 13.32
C ASN B 29 -13.51 -28.17 13.39
N GLU B 30 -13.12 -27.53 14.50
CA GLU B 30 -13.28 -26.09 14.66
C GLU B 30 -12.00 -25.54 15.23
N CYS B 31 -11.60 -24.34 14.82
CA CYS B 31 -10.47 -23.66 15.44
C CYS B 31 -10.86 -23.09 16.79
N SER B 32 -9.93 -23.15 17.77
CA SER B 32 -10.12 -22.55 19.09
C SER B 32 -10.13 -21.02 19.02
N ASP B 33 -10.54 -20.40 20.12
CA ASP B 33 -10.42 -18.96 20.32
C ASP B 33 -9.02 -18.50 19.90
N GLY B 34 -8.96 -17.43 19.10
CA GLY B 34 -7.70 -16.82 18.66
C GLY B 34 -6.92 -17.67 17.66
N SER B 35 -7.60 -18.59 16.96
CA SER B 35 -6.96 -19.48 16.02
C SER B 35 -7.72 -19.41 14.68
N PHE B 36 -7.08 -19.86 13.61
CA PHE B 36 -7.72 -19.92 12.30
C PHE B 36 -7.00 -20.94 11.41
N HIS B 37 -7.70 -21.35 10.35
CA HIS B 37 -7.18 -22.17 9.27
C HIS B 37 -6.87 -23.57 9.79
N LEU B 38 -7.89 -24.40 9.86
CA LEU B 38 -7.70 -25.81 10.15
C LEU B 38 -7.07 -26.52 8.96
N SER B 39 -5.94 -27.21 9.16
CA SER B 39 -5.35 -28.04 8.12
C SER B 39 -4.68 -29.30 8.68
N LYS B 40 -4.81 -30.41 7.94
CA LYS B 40 -4.19 -31.66 8.27
C LYS B 40 -2.68 -31.49 8.46
N GLN B 41 -2.05 -30.60 7.69
CA GLN B 41 -0.60 -30.48 7.72
C GLN B 41 -0.12 -29.80 9.00
N ASN B 42 -0.96 -28.99 9.64
CA ASN B 42 -0.53 -28.28 10.83
C ASN B 42 -0.62 -29.25 12.01
N PRO B 43 0.49 -29.51 12.76
CA PRO B 43 0.41 -30.37 13.93
C PRO B 43 -0.46 -29.81 15.04
N ASP B 44 -0.67 -28.47 15.04
CA ASP B 44 -1.56 -27.85 16.00
C ASP B 44 -2.99 -27.69 15.46
N GLY B 45 -3.23 -28.12 14.21
CA GLY B 45 -4.54 -28.03 13.57
C GLY B 45 -4.78 -26.65 12.98
N CYS B 46 -4.57 -25.62 13.80
CA CYS B 46 -4.91 -24.25 13.42
C CYS B 46 -3.76 -23.36 13.83
N LEU B 47 -3.60 -22.27 13.08
CA LEU B 47 -2.62 -21.24 13.37
C LEU B 47 -3.20 -20.33 14.44
N LYS B 48 -2.31 -19.71 15.22
CA LYS B 48 -2.71 -18.67 16.16
C LYS B 48 -2.79 -17.33 15.45
N CYS B 49 -3.92 -16.63 15.60
CA CYS B 49 -4.04 -15.23 15.22
C CYS B 49 -2.95 -14.44 15.92
N PHE B 50 -2.24 -13.53 15.23
CA PHE B 50 -1.26 -12.68 15.88
C PHE B 50 -1.73 -11.24 15.87
N CYS B 51 -2.01 -10.70 14.69
CA CYS B 51 -2.58 -9.36 14.55
C CYS B 51 -1.76 -8.30 15.25
N MET B 52 -0.44 -8.51 15.27
CA MET B 52 0.51 -7.55 15.81
C MET B 52 0.20 -7.25 17.27
N GLY B 53 -0.42 -8.23 17.94
CA GLY B 53 -0.64 -8.12 19.37
C GLY B 53 -1.89 -7.33 19.77
N VAL B 54 -2.67 -6.79 18.81
CA VAL B 54 -3.76 -5.90 19.18
C VAL B 54 -5.13 -6.53 18.95
N SER B 55 -5.18 -7.82 18.56
CA SER B 55 -6.44 -8.52 18.44
C SER B 55 -6.18 -10.02 18.39
N ARG B 56 -7.17 -10.78 18.87
CA ARG B 56 -7.15 -12.22 18.86
C ARG B 56 -8.20 -12.73 17.88
N GLN B 57 -8.86 -11.83 17.16
CA GLN B 57 -9.95 -12.23 16.28
C GLN B 57 -9.48 -12.19 14.84
N CYS B 58 -9.51 -13.34 14.15
CA CYS B 58 -9.03 -13.40 12.78
C CYS B 58 -9.56 -14.68 12.17
N SER B 59 -9.59 -14.69 10.84
CA SER B 59 -9.91 -15.84 10.01
C SER B 59 -8.94 -15.84 8.83
N SER B 60 -8.97 -16.92 8.03
CA SER B 60 -8.23 -17.05 6.80
C SER B 60 -8.54 -15.87 5.88
N SER B 61 -7.51 -15.27 5.27
CA SER B 61 -7.71 -14.32 4.19
C SER B 61 -8.46 -15.01 3.05
N SER B 62 -9.25 -14.23 2.33
CA SER B 62 -9.80 -14.66 1.06
C SER B 62 -9.06 -13.95 -0.09
N TRP B 63 -7.95 -13.26 0.20
CA TRP B 63 -7.09 -12.79 -0.89
C TRP B 63 -6.54 -13.95 -1.70
N SER B 64 -6.18 -13.69 -2.96
CA SER B 64 -5.74 -14.73 -3.87
C SER B 64 -4.21 -14.73 -4.01
N ARG B 65 -3.65 -15.91 -4.21
CA ARG B 65 -2.22 -16.05 -4.45
C ARG B 65 -1.83 -15.42 -5.80
N ALA B 66 -0.62 -14.86 -5.81
CA ALA B 66 0.08 -14.34 -6.97
C ALA B 66 1.58 -14.37 -6.68
N GLN B 67 2.41 -14.09 -7.69
CA GLN B 67 3.85 -14.15 -7.55
C GLN B 67 4.51 -12.88 -8.09
N VAL B 68 5.43 -12.34 -7.30
CA VAL B 68 6.39 -11.37 -7.76
C VAL B 68 7.56 -12.09 -8.46
N LEU B 69 7.82 -11.75 -9.72
CA LEU B 69 8.84 -12.45 -10.50
C LEU B 69 10.10 -11.61 -10.61
N GLY B 70 11.26 -12.28 -10.59
CA GLY B 70 12.51 -11.61 -10.78
C GLY B 70 12.58 -10.94 -12.16
N ALA B 71 12.05 -11.66 -13.14
CA ALA B 71 12.11 -11.28 -14.55
C ALA B 71 11.34 -10.00 -14.84
N SER B 72 10.51 -9.53 -13.91
CA SER B 72 9.77 -8.30 -14.07
C SER B 72 10.60 -7.07 -13.68
N GLU B 73 11.81 -7.25 -13.14
CA GLU B 73 12.62 -6.13 -12.70
C GLU B 73 13.84 -6.01 -13.64
N GLN B 74 14.28 -4.78 -13.90
CA GLN B 74 15.47 -4.51 -14.69
C GLN B 74 16.72 -5.01 -13.96
N PRO B 75 17.73 -5.55 -14.66
CA PRO B 75 18.98 -5.96 -14.02
C PRO B 75 19.61 -4.90 -13.12
N SER B 76 19.45 -3.64 -13.49
CA SER B 76 20.05 -2.53 -12.75
C SER B 76 19.47 -2.46 -11.35
N GLN B 77 18.31 -3.08 -11.12
CA GLN B 77 17.62 -2.95 -9.86
C GLN B 77 18.20 -3.96 -8.87
N PHE B 78 18.92 -4.97 -9.34
CA PHE B 78 19.63 -5.91 -8.47
C PHE B 78 21.03 -5.40 -8.13
N SER B 79 21.56 -5.91 -7.02
CA SER B 79 22.87 -5.56 -6.52
C SER B 79 23.35 -6.68 -5.61
N LEU B 80 24.63 -6.61 -5.26
CA LEU B 80 25.23 -7.45 -4.25
C LEU B 80 25.45 -6.62 -2.97
N SER B 81 25.33 -7.30 -1.84
CA SER B 81 25.46 -6.69 -0.53
C SER B 81 26.13 -7.65 0.45
N ASN B 82 26.89 -7.11 1.38
CA ASN B 82 27.22 -7.93 2.55
C ASN B 82 25.95 -8.02 3.42
N ALA B 83 25.96 -8.90 4.42
CA ALA B 83 24.83 -9.09 5.32
C ALA B 83 24.42 -7.79 6.02
N ALA B 84 25.40 -7.00 6.44
CA ALA B 84 25.14 -5.79 7.18
C ALA B 84 24.65 -4.65 6.27
N GLY B 85 24.75 -4.82 4.95
CA GLY B 85 24.37 -3.76 4.03
C GLY B 85 25.31 -2.54 4.08
N THR B 86 26.54 -2.69 4.61
CA THR B 86 27.51 -1.60 4.61
C THR B 86 28.37 -1.61 3.34
N HIS B 87 28.37 -2.72 2.58
CA HIS B 87 29.21 -2.82 1.39
C HIS B 87 28.37 -3.39 0.26
N THR B 88 28.07 -2.55 -0.73
CA THR B 88 27.17 -2.95 -1.80
C THR B 88 27.76 -2.47 -3.12
N THR B 89 27.36 -3.12 -4.21
CA THR B 89 27.75 -2.71 -5.54
C THR B 89 26.77 -3.32 -6.53
N SER B 90 26.60 -2.61 -7.64
CA SER B 90 25.94 -3.11 -8.84
C SER B 90 26.98 -3.37 -9.93
N GLU B 91 28.21 -2.91 -9.73
CA GLU B 91 29.22 -3.04 -10.77
C GLU B 91 29.51 -4.53 -10.96
N GLY B 92 29.27 -5.03 -12.18
CA GLY B 92 29.58 -6.42 -12.47
C GLY B 92 28.31 -7.25 -12.64
N VAL B 93 27.19 -6.73 -12.13
CA VAL B 93 25.93 -7.42 -12.24
C VAL B 93 25.42 -7.25 -13.65
N SER B 94 25.13 -8.36 -14.32
CA SER B 94 24.65 -8.34 -15.68
C SER B 94 23.64 -9.44 -15.89
N SER B 95 22.89 -9.35 -16.98
CA SER B 95 21.88 -10.34 -17.32
C SER B 95 22.20 -10.98 -18.65
N PRO B 96 22.81 -12.19 -18.70
CA PRO B 96 23.11 -12.84 -19.96
C PRO B 96 21.88 -13.41 -20.66
N ALA B 97 20.74 -13.45 -19.98
CA ALA B 97 19.56 -14.05 -20.58
C ALA B 97 18.34 -13.74 -19.71
N PRO B 98 17.13 -13.85 -20.27
CA PRO B 98 15.95 -13.40 -19.55
C PRO B 98 15.77 -14.13 -18.22
N GLY B 99 15.45 -13.36 -17.18
CA GLY B 99 15.29 -13.89 -15.84
C GLY B 99 16.58 -14.32 -15.15
N GLU B 100 17.75 -14.14 -15.80
CA GLU B 100 19.03 -14.62 -15.30
C GLU B 100 20.00 -13.47 -15.01
N LEU B 101 20.68 -13.56 -13.84
CA LEU B 101 21.71 -12.61 -13.45
C LEU B 101 23.03 -13.33 -13.20
N SER B 102 24.13 -12.61 -13.46
CA SER B 102 25.47 -13.14 -13.38
C SER B 102 26.39 -12.09 -12.80
N PHE B 103 27.29 -12.57 -11.95
CA PHE B 103 28.33 -11.76 -11.37
C PHE B 103 29.63 -12.56 -11.41
N SER B 104 30.69 -11.94 -11.86
CA SER B 104 31.99 -12.60 -11.91
C SER B 104 33.08 -11.57 -11.69
N SER B 105 32.91 -10.73 -10.68
CA SER B 105 33.89 -9.70 -10.37
C SER B 105 34.19 -9.66 -8.88
N PHE B 106 34.39 -10.85 -8.29
CA PHE B 106 34.60 -10.97 -6.84
C PHE B 106 35.92 -10.32 -6.41
N HIS B 107 36.90 -10.30 -7.34
CA HIS B 107 38.19 -9.66 -7.15
C HIS B 107 38.07 -8.20 -6.69
N ASN B 108 36.99 -7.52 -7.04
CA ASN B 108 36.79 -6.13 -6.65
C ASN B 108 36.15 -5.98 -5.27
N LEU B 109 35.85 -7.12 -4.60
CA LEU B 109 35.08 -7.09 -3.36
C LEU B 109 35.98 -7.50 -2.20
N LEU B 110 35.50 -7.22 -0.98
CA LEU B 110 36.23 -7.61 0.20
C LEU B 110 36.06 -9.11 0.41
N SER B 111 36.90 -9.67 1.27
CA SER B 111 36.80 -11.07 1.68
C SER B 111 35.77 -11.20 2.79
N GLU B 112 34.51 -11.19 2.38
CA GLU B 112 33.37 -11.54 3.21
C GLU B 112 32.29 -12.05 2.28
N PRO B 113 31.27 -12.75 2.83
CA PRO B 113 30.16 -13.21 2.01
C PRO B 113 29.36 -12.07 1.41
N TYR B 114 28.92 -12.26 0.16
CA TYR B 114 28.00 -11.33 -0.48
C TYR B 114 26.71 -12.03 -0.81
N PHE B 115 25.68 -11.23 -0.98
CA PHE B 115 24.31 -11.70 -1.21
C PHE B 115 23.73 -10.86 -2.34
N TRP B 116 22.98 -11.54 -3.21
CA TRP B 116 22.05 -10.84 -4.08
C TRP B 116 21.00 -10.17 -3.20
N SER B 117 20.85 -8.86 -3.43
CA SER B 117 19.85 -8.07 -2.72
C SER B 117 18.65 -7.85 -3.64
N LEU B 118 17.53 -8.52 -3.32
CA LEU B 118 16.33 -8.39 -4.12
C LEU B 118 15.79 -6.94 -4.06
N PRO B 119 15.30 -6.43 -5.21
CA PRO B 119 14.77 -5.06 -5.28
C PRO B 119 13.41 -4.91 -4.61
N ALA B 120 12.93 -3.65 -4.67
CA ALA B 120 11.84 -3.09 -3.88
C ALA B 120 10.56 -3.92 -3.96
N SER B 121 10.26 -4.46 -5.14
CA SER B 121 9.04 -5.23 -5.34
C SER B 121 9.00 -6.48 -4.44
N PHE B 122 10.16 -6.88 -3.91
CA PHE B 122 10.25 -8.06 -3.04
C PHE B 122 10.21 -7.66 -1.56
N ARG B 123 10.27 -6.35 -1.29
CA ARG B 123 10.38 -5.85 0.05
C ARG B 123 9.10 -5.12 0.47
N GLY B 124 9.20 -4.29 1.51
CA GLY B 124 8.05 -3.65 2.08
C GLY B 124 7.15 -4.66 2.80
N ASP B 125 5.85 -4.38 2.71
CA ASP B 125 4.85 -5.15 3.44
C ASP B 125 4.51 -6.43 2.68
N LYS B 126 5.05 -7.52 3.18
CA LYS B 126 4.87 -8.84 2.60
C LYS B 126 4.31 -9.78 3.67
N VAL B 127 3.43 -9.27 4.56
CA VAL B 127 2.79 -10.20 5.49
C VAL B 127 2.06 -11.28 4.70
N THR B 128 1.59 -10.97 3.47
CA THR B 128 0.80 -11.92 2.72
C THR B 128 1.63 -13.04 2.11
N SER B 129 2.97 -12.95 2.24
CA SER B 129 3.86 -13.99 1.75
C SER B 129 3.87 -15.19 2.69
N TYR B 130 3.47 -14.95 3.93
CA TYR B 130 3.38 -16.02 4.92
C TYR B 130 2.60 -17.17 4.30
N GLY B 131 3.14 -18.38 4.44
CA GLY B 131 2.47 -19.58 3.97
C GLY B 131 2.84 -19.89 2.53
N GLY B 132 3.43 -18.92 1.84
CA GLY B 132 3.92 -19.15 0.48
C GLY B 132 5.42 -19.48 0.47
N GLU B 133 6.06 -19.27 -0.68
CA GLU B 133 7.41 -19.69 -0.95
C GLU B 133 8.18 -18.57 -1.66
N LEU B 134 9.48 -18.56 -1.41
CA LEU B 134 10.45 -17.89 -2.27
C LEU B 134 11.22 -18.98 -3.03
N ARG B 135 11.10 -18.92 -4.36
CA ARG B 135 11.74 -19.88 -5.25
CA ARG B 135 11.76 -19.88 -5.23
C ARG B 135 12.82 -19.18 -6.07
N PHE B 136 13.92 -19.90 -6.32
CA PHE B 136 15.01 -19.35 -7.11
C PHE B 136 15.99 -20.47 -7.43
N THR B 137 16.79 -20.22 -8.49
CA THR B 137 17.83 -21.10 -8.97
C THR B 137 19.16 -20.38 -8.84
N VAL B 138 20.15 -21.09 -8.30
CA VAL B 138 21.48 -20.54 -8.16
C VAL B 138 22.47 -21.47 -8.84
N MET B 139 23.54 -20.88 -9.37
CA MET B 139 24.73 -21.63 -9.73
C MET B 139 25.95 -20.83 -9.29
N GLN B 140 26.94 -21.55 -8.74
CA GLN B 140 28.17 -20.92 -8.35
C GLN B 140 29.37 -21.74 -8.80
N ARG B 141 30.47 -21.03 -8.99
CA ARG B 141 31.78 -21.64 -9.16
C ARG B 141 32.74 -20.91 -8.23
N PRO B 142 33.60 -21.66 -7.52
CA PRO B 142 34.67 -21.04 -6.78
C PRO B 142 35.92 -20.90 -7.63
N ARG B 143 36.82 -20.06 -7.21
CA ARG B 143 38.19 -20.16 -7.67
C ARG B 143 38.84 -21.50 -7.27
N PRO B 144 39.84 -21.97 -8.06
CA PRO B 144 40.62 -23.18 -7.76
C PRO B 144 40.96 -23.50 -6.25
N SER B 145 41.50 -22.51 -5.52
CA SER B 145 41.81 -22.79 -4.09
C SER B 145 40.87 -22.15 -3.07
N SER B 146 39.55 -22.26 -3.30
CA SER B 146 38.60 -21.58 -2.43
C SER B 146 38.25 -22.51 -1.29
N ALA B 147 38.58 -22.07 -0.07
CA ALA B 147 38.11 -22.74 1.14
C ALA B 147 36.58 -22.65 1.22
N PRO B 148 35.85 -23.77 1.39
CA PRO B 148 34.42 -23.67 1.62
C PRO B 148 34.08 -22.89 2.91
N LEU B 149 32.88 -22.32 2.96
CA LEU B 149 32.40 -21.63 4.14
C LEU B 149 31.39 -22.54 4.83
N HIS B 150 31.27 -22.39 6.13
CA HIS B 150 30.43 -23.26 6.93
C HIS B 150 29.22 -22.48 7.42
N ARG B 151 28.05 -23.11 7.33
CA ARG B 151 26.85 -22.61 8.00
C ARG B 151 26.56 -21.17 7.53
N GLN B 152 26.73 -20.90 6.24
CA GLN B 152 26.30 -19.59 5.76
C GLN B 152 24.82 -19.68 5.37
N PRO B 153 24.03 -18.64 5.68
CA PRO B 153 22.63 -18.64 5.28
C PRO B 153 22.48 -18.56 3.76
N LEU B 154 21.56 -19.36 3.23
CA LEU B 154 21.05 -19.22 1.87
C LEU B 154 20.25 -17.93 1.71
N VAL B 155 19.35 -17.65 2.67
CA VAL B 155 18.51 -16.45 2.59
C VAL B 155 18.57 -15.72 3.92
N VAL B 156 18.65 -14.39 3.86
CA VAL B 156 18.54 -13.54 5.02
C VAL B 156 17.36 -12.56 4.83
N LEU B 157 16.43 -12.55 5.81
CA LEU B 157 15.28 -11.67 5.81
C LEU B 157 15.47 -10.64 6.92
N GLN B 158 15.49 -9.34 6.58
CA GLN B 158 15.66 -8.29 7.55
C GLN B 158 14.46 -7.33 7.48
N GLY B 159 13.75 -7.18 8.60
CA GLY B 159 12.65 -6.22 8.69
C GLY B 159 12.28 -5.94 10.14
N ASN B 160 11.95 -4.67 10.43
CA ASN B 160 11.42 -4.26 11.71
C ASN B 160 12.36 -4.73 12.82
N ASN B 161 13.67 -4.53 12.60
CA ASN B 161 14.72 -4.83 13.55
C ASN B 161 14.78 -6.32 13.88
N ILE B 162 14.39 -7.16 12.95
CA ILE B 162 14.45 -8.60 13.14
C ILE B 162 15.28 -9.14 11.99
N VAL B 163 16.19 -10.07 12.29
CA VAL B 163 16.95 -10.76 11.27
C VAL B 163 16.63 -12.25 11.39
N LEU B 164 16.27 -12.87 10.28
CA LEU B 164 16.05 -14.31 10.22
C LEU B 164 16.81 -14.89 9.04
N GLU B 165 17.24 -16.15 9.20
CA GLU B 165 18.00 -16.80 8.17
C GLU B 165 17.33 -18.12 7.83
N HIS B 166 17.46 -18.52 6.56
CA HIS B 166 17.19 -19.87 6.10
C HIS B 166 18.50 -20.46 5.60
N HIS B 167 18.75 -21.72 5.97
CA HIS B 167 19.94 -22.47 5.63
C HIS B 167 19.47 -23.63 4.77
N ALA B 168 20.22 -23.92 3.71
CA ALA B 168 19.87 -24.97 2.77
C ALA B 168 20.13 -26.33 3.40
N SER B 169 19.44 -27.37 2.94
CA SER B 169 19.82 -28.73 3.36
C SER B 169 21.07 -29.16 2.59
N ARG B 170 21.30 -28.58 1.41
CA ARG B 170 22.46 -28.93 0.60
C ARG B 170 22.98 -27.68 -0.11
N ASP B 171 24.26 -27.38 0.07
CA ASP B 171 24.97 -26.34 -0.66
C ASP B 171 25.02 -26.66 -2.15
N PRO B 172 24.86 -25.66 -3.04
CA PRO B 172 24.98 -25.90 -4.48
C PRO B 172 26.41 -26.26 -4.84
N SER B 173 26.59 -27.31 -5.65
CA SER B 173 27.92 -27.78 -5.97
C SER B 173 28.44 -27.01 -7.18
N PRO B 174 29.77 -26.93 -7.38
CA PRO B 174 30.37 -26.12 -8.45
C PRO B 174 29.77 -26.37 -9.83
N GLY B 175 29.27 -25.30 -10.45
CA GLY B 175 28.89 -25.36 -11.86
C GLY B 175 27.55 -26.06 -12.08
N GLN B 176 26.81 -26.31 -10.99
CA GLN B 176 25.61 -27.13 -11.05
C GLN B 176 24.49 -26.28 -10.50
N PRO B 177 23.51 -25.90 -11.36
CA PRO B 177 22.35 -25.14 -10.94
C PRO B 177 21.51 -25.89 -9.91
N SER B 178 21.21 -25.21 -8.80
CA SER B 178 20.34 -25.73 -7.77
C SER B 178 19.03 -24.92 -7.69
N ASN B 179 17.91 -25.64 -7.73
CA ASN B 179 16.60 -25.05 -7.50
C ASN B 179 16.27 -25.06 -6.01
N PHE B 180 15.92 -23.92 -5.43
CA PHE B 180 15.51 -23.85 -4.04
C PHE B 180 14.05 -23.39 -3.94
N ILE B 181 13.38 -23.92 -2.91
CA ILE B 181 12.03 -23.56 -2.52
C ILE B 181 12.07 -23.24 -1.03
N VAL B 182 12.01 -21.96 -0.66
CA VAL B 182 12.11 -21.59 0.73
C VAL B 182 10.71 -21.17 1.19
N PRO B 183 10.05 -21.94 2.10
CA PRO B 183 8.75 -21.56 2.67
C PRO B 183 8.86 -20.38 3.60
N PHE B 184 7.90 -19.46 3.51
CA PHE B 184 7.70 -18.49 4.57
C PHE B 184 6.79 -19.11 5.64
N GLN B 185 7.42 -19.98 6.42
CA GLN B 185 6.82 -20.71 7.53
CA GLN B 185 6.82 -20.67 7.55
C GLN B 185 7.93 -20.81 8.60
N GLU B 186 7.59 -20.53 9.85
CA GLU B 186 8.60 -20.29 10.88
C GLU B 186 9.60 -21.46 11.04
N GLN B 187 9.19 -22.71 10.79
CA GLN B 187 10.05 -23.87 10.94
C GLN B 187 11.25 -23.78 9.97
N ALA B 188 11.16 -23.02 8.89
CA ALA B 188 12.25 -22.94 7.93
C ALA B 188 13.24 -21.82 8.25
N TRP B 189 13.04 -21.04 9.34
CA TRP B 189 13.87 -19.88 9.63
C TRP B 189 14.42 -19.94 11.05
N GLN B 190 15.61 -19.37 11.24
CA GLN B 190 16.20 -19.26 12.57
C GLN B 190 16.74 -17.85 12.77
N ARG B 191 16.91 -17.46 14.03
CA ARG B 191 17.66 -16.26 14.34
C ARG B 191 19.11 -16.51 13.99
N PRO B 192 19.97 -15.48 13.84
CA PRO B 192 21.41 -15.71 13.62
C PRO B 192 22.06 -16.65 14.63
N ASP B 193 21.61 -16.69 15.89
CA ASP B 193 22.24 -17.55 16.87
C ASP B 193 21.73 -19.01 16.78
N GLY B 194 20.92 -19.30 15.76
CA GLY B 194 20.45 -20.66 15.56
C GLY B 194 19.20 -21.00 16.39
N GLN B 195 18.63 -20.02 17.12
CA GLN B 195 17.35 -20.26 17.80
C GLN B 195 16.20 -20.28 16.79
N PRO B 196 15.17 -21.16 16.92
CA PRO B 196 14.01 -21.17 16.04
C PRO B 196 13.29 -19.83 15.96
N ALA B 197 12.89 -19.46 14.74
CA ALA B 197 12.02 -18.33 14.54
C ALA B 197 10.62 -18.63 15.10
N THR B 198 9.94 -17.61 15.60
CA THR B 198 8.53 -17.70 15.92
C THR B 198 7.71 -17.14 14.77
N ARG B 199 6.42 -17.52 14.74
CA ARG B 199 5.45 -16.97 13.82
C ARG B 199 5.42 -15.45 13.98
N GLU B 200 5.35 -14.98 15.20
CA GLU B 200 5.26 -13.56 15.45
C GLU B 200 6.45 -12.84 14.81
N HIS B 201 7.68 -13.34 15.01
CA HIS B 201 8.87 -12.63 14.52
C HIS B 201 8.95 -12.68 13.00
N LEU B 202 8.63 -13.82 12.40
CA LEU B 202 8.54 -13.95 10.97
C LEU B 202 7.57 -12.93 10.41
N LEU B 203 6.38 -12.84 11.04
CA LEU B 203 5.35 -11.94 10.52
C LEU B 203 5.81 -10.49 10.70
N MET B 204 6.48 -10.18 11.80
CA MET B 204 6.91 -8.82 11.99
C MET B 204 7.95 -8.44 10.92
N ALA B 205 8.85 -9.38 10.58
CA ALA B 205 9.92 -9.08 9.63
C ALA B 205 9.31 -8.93 8.23
N LEU B 206 8.41 -9.85 7.88
CA LEU B 206 7.70 -9.81 6.60
C LEU B 206 6.93 -8.52 6.42
N ALA B 207 6.39 -7.95 7.50
CA ALA B 207 5.52 -6.80 7.39
C ALA B 207 6.29 -5.54 7.03
N GLY B 208 7.62 -5.58 7.11
CA GLY B 208 8.42 -4.41 6.86
C GLY B 208 9.82 -4.78 6.34
N ILE B 209 9.87 -5.48 5.20
CA ILE B 209 11.13 -6.02 4.71
C ILE B 209 12.01 -4.87 4.26
N ASP B 210 13.17 -4.76 4.90
CA ASP B 210 14.22 -3.82 4.58
C ASP B 210 15.22 -4.44 3.62
N ALA B 211 15.46 -5.76 3.72
CA ALA B 211 16.28 -6.45 2.77
C ALA B 211 15.90 -7.92 2.71
N LEU B 212 15.98 -8.50 1.52
CA LEU B 212 15.82 -9.93 1.32
C LEU B 212 16.99 -10.39 0.45
N LEU B 213 17.91 -11.13 1.08
CA LEU B 213 19.25 -11.40 0.57
C LEU B 213 19.36 -12.87 0.22
N ILE B 214 19.85 -13.19 -0.98
CA ILE B 214 20.15 -14.56 -1.33
C ILE B 214 21.67 -14.71 -1.49
N GLN B 215 22.21 -15.81 -0.90
CA GLN B 215 23.65 -16.03 -0.87
C GLN B 215 24.19 -16.01 -2.30
N ALA B 216 25.28 -15.26 -2.48
CA ALA B 216 25.92 -15.16 -3.79
C ALA B 216 27.37 -15.71 -3.77
N SER B 217 28.03 -15.74 -2.61
CA SER B 217 29.44 -16.09 -2.51
C SER B 217 29.65 -17.61 -2.36
N TYR B 218 29.07 -18.23 -1.31
CA TYR B 218 29.10 -19.67 -1.05
C TYR B 218 30.46 -20.09 -0.50
N THR B 219 31.56 -19.73 -1.18
CA THR B 219 32.88 -20.11 -0.75
C THR B 219 33.68 -18.86 -0.41
N GLN B 220 34.88 -19.09 0.11
CA GLN B 220 35.72 -18.03 0.62
C GLN B 220 36.29 -17.20 -0.52
N GLN B 221 36.52 -17.83 -1.69
CA GLN B 221 37.05 -17.16 -2.87
C GLN B 221 36.19 -17.53 -4.08
N PRO B 222 35.00 -16.92 -4.24
CA PRO B 222 34.12 -17.28 -5.34
C PRO B 222 34.63 -16.74 -6.65
N ALA B 223 34.28 -17.44 -7.75
CA ALA B 223 34.65 -16.97 -9.08
C ALA B 223 33.44 -16.41 -9.80
N GLU B 224 32.29 -17.07 -9.63
CA GLU B 224 31.11 -16.84 -10.45
C GLU B 224 29.86 -17.16 -9.64
N SER B 225 28.85 -16.30 -9.78
CA SER B 225 27.56 -16.49 -9.15
C SER B 225 26.45 -16.10 -10.13
N ARG B 226 25.46 -16.97 -10.25
CA ARG B 226 24.32 -16.76 -11.13
C ARG B 226 23.02 -17.00 -10.38
N LEU B 227 22.00 -16.18 -10.68
CA LEU B 227 20.70 -16.23 -10.04
C LEU B 227 19.63 -16.09 -11.11
N SER B 228 18.64 -16.99 -11.03
CA SER B 228 17.56 -16.99 -11.98
C SER B 228 16.29 -17.60 -11.38
N GLY B 229 15.19 -17.46 -12.14
CA GLY B 229 13.92 -18.13 -11.84
C GLY B 229 13.38 -17.72 -10.49
N ILE B 230 13.44 -16.42 -10.17
CA ILE B 230 13.04 -15.90 -8.89
C ILE B 230 11.51 -15.71 -8.88
N SER B 231 10.86 -16.22 -7.85
CA SER B 231 9.40 -16.20 -7.70
C SER B 231 9.10 -16.09 -6.22
N MET B 232 8.43 -15.01 -5.80
CA MET B 232 7.98 -14.86 -4.43
C MET B 232 6.45 -14.77 -4.37
N ASP B 233 5.86 -15.69 -3.60
CA ASP B 233 4.44 -15.70 -3.32
C ASP B 233 4.02 -14.50 -2.49
N VAL B 234 2.89 -13.91 -2.91
CA VAL B 234 2.17 -12.91 -2.15
C VAL B 234 0.67 -13.22 -2.24
N ALA B 235 -0.16 -12.35 -1.68
CA ALA B 235 -1.59 -12.43 -1.90
C ALA B 235 -2.08 -11.05 -2.25
N VAL B 236 -3.15 -11.02 -3.05
CA VAL B 236 -3.72 -9.76 -3.50
C VAL B 236 -5.23 -9.84 -3.36
N PRO B 237 -5.93 -8.71 -3.14
CA PRO B 237 -7.38 -8.73 -3.00
C PRO B 237 -8.06 -9.16 -4.29
N GLU B 238 -7.46 -8.87 -5.46
CA GLU B 238 -8.11 -9.28 -6.69
C GLU B 238 -8.11 -10.81 -6.79
N ASN B 239 -9.12 -11.32 -7.48
CA ASN B 239 -9.19 -12.70 -7.91
C ASN B 239 -8.15 -12.99 -8.99
N THR B 240 -7.28 -13.97 -8.74
CA THR B 240 -6.25 -14.36 -9.67
C THR B 240 -6.58 -15.66 -10.38
N GLY B 241 -7.48 -16.48 -9.80
CA GLY B 241 -7.66 -17.85 -10.26
C GLY B 241 -6.73 -18.82 -9.51
N GLN B 242 -5.82 -18.33 -8.68
CA GLN B 242 -5.01 -19.22 -7.87
C GLN B 242 -5.76 -19.47 -6.57
N ASP B 243 -5.20 -20.35 -5.76
CA ASP B 243 -5.77 -20.65 -4.45
C ASP B 243 -5.82 -19.38 -3.61
N SER B 244 -6.74 -19.33 -2.67
CA SER B 244 -6.77 -18.24 -1.71
C SER B 244 -5.69 -18.49 -0.69
N ALA B 245 -5.23 -17.40 -0.07
CA ALA B 245 -4.11 -17.41 0.82
C ALA B 245 -4.59 -17.72 2.23
N ARG B 246 -4.98 -18.98 2.45
CA ARG B 246 -5.63 -19.36 3.71
C ARG B 246 -4.71 -19.30 4.94
N GLU B 247 -3.38 -19.38 4.72
CA GLU B 247 -2.39 -19.29 5.81
C GLU B 247 -2.18 -17.84 6.25
N VAL B 248 -2.75 -16.90 5.49
CA VAL B 248 -2.60 -15.48 5.78
C VAL B 248 -3.75 -15.07 6.68
N GLU B 249 -3.42 -14.45 7.81
CA GLU B 249 -4.46 -14.02 8.74
C GLU B 249 -5.12 -12.73 8.24
N GLN B 250 -6.46 -12.69 8.36
CA GLN B 250 -7.21 -11.45 8.20
C GLN B 250 -7.83 -11.15 9.56
N CYS B 251 -7.28 -10.15 10.23
CA CYS B 251 -7.63 -9.82 11.60
C CYS B 251 -8.83 -8.88 11.59
N THR B 252 -9.67 -8.92 12.64
CA THR B 252 -10.53 -7.80 12.96
C THR B 252 -9.74 -6.86 13.87
N CYS B 253 -9.38 -5.70 13.36
CA CYS B 253 -8.49 -4.82 14.09
C CYS B 253 -9.28 -3.87 14.95
N PRO B 254 -8.74 -3.42 16.11
CA PRO B 254 -9.41 -2.39 16.87
C PRO B 254 -9.31 -1.04 16.18
N PRO B 255 -10.12 -0.03 16.57
CA PRO B 255 -9.99 1.30 15.99
C PRO B 255 -8.53 1.78 16.00
N GLY B 256 -8.11 2.36 14.87
CA GLY B 256 -6.78 2.91 14.75
C GLY B 256 -5.83 2.03 13.94
N TYR B 257 -6.25 0.81 13.57
CA TYR B 257 -5.38 -0.14 12.90
C TYR B 257 -6.05 -0.71 11.65
N ARG B 258 -5.24 -1.09 10.65
CA ARG B 258 -5.73 -1.77 9.45
C ARG B 258 -4.59 -2.59 8.84
N GLY B 259 -4.85 -3.23 7.71
CA GLY B 259 -3.99 -4.26 7.15
C GLY B 259 -4.40 -5.62 7.68
N PRO B 260 -4.12 -6.73 6.97
CA PRO B 260 -4.59 -8.04 7.39
C PRO B 260 -4.13 -8.47 8.78
N SER B 261 -2.98 -7.96 9.23
CA SER B 261 -2.44 -8.27 10.56
C SER B 261 -2.46 -7.04 11.44
N CYS B 262 -3.32 -6.07 11.15
CA CYS B 262 -3.34 -4.84 11.92
C CYS B 262 -1.94 -4.24 12.04
N GLN B 263 -1.18 -4.30 10.95
CA GLN B 263 0.20 -3.85 10.95
C GLN B 263 0.32 -2.38 10.58
N ASP B 264 -0.78 -1.73 10.18
CA ASP B 264 -0.75 -0.33 9.73
C ASP B 264 -1.69 0.52 10.55
N CYS B 265 -1.26 1.76 10.82
CA CYS B 265 -2.10 2.74 11.47
C CYS B 265 -3.14 3.23 10.46
N ASP B 266 -4.35 3.45 10.95
CA ASP B 266 -5.45 3.95 10.14
C ASP B 266 -5.40 5.47 10.15
N THR B 267 -6.09 6.06 9.19
CA THR B 267 -6.07 7.51 9.03
C THR B 267 -6.54 8.13 10.33
N GLY B 268 -5.76 9.11 10.81
CA GLY B 268 -6.10 9.78 12.06
C GLY B 268 -5.38 9.18 13.27
N TYR B 269 -4.56 8.15 13.05
CA TYR B 269 -3.79 7.58 14.16
C TYR B 269 -2.31 7.62 13.82
N THR B 270 -1.48 7.90 14.83
CA THR B 270 -0.04 7.94 14.65
C THR B 270 0.59 6.74 15.34
N ARG B 271 1.65 6.18 14.73
CA ARG B 271 2.36 5.07 15.34
C ARG B 271 3.17 5.57 16.53
N VAL B 272 3.11 4.80 17.63
CA VAL B 272 3.99 4.98 18.77
C VAL B 272 4.85 3.73 18.86
N PRO B 273 6.19 3.82 18.74
CA PRO B 273 7.03 2.62 18.60
C PRO B 273 7.10 1.79 19.89
N SER B 274 6.60 2.36 20.99
CA SER B 274 6.19 1.58 22.15
C SER B 274 7.25 0.56 22.51
N GLY B 275 6.86 -0.72 22.54
CA GLY B 275 7.66 -1.71 23.22
C GLY B 275 7.47 -3.09 22.59
N LEU B 276 6.23 -3.58 22.68
CA LEU B 276 5.92 -4.90 22.14
C LEU B 276 5.50 -4.82 20.67
N TYR B 277 6.07 -5.76 19.89
CA TYR B 277 5.78 -5.88 18.46
C TYR B 277 6.10 -4.55 17.79
N LEU B 278 5.17 -4.07 16.95
CA LEU B 278 5.42 -2.87 16.16
C LEU B 278 5.07 -1.61 16.96
N GLY B 279 4.46 -1.79 18.14
CA GLY B 279 3.96 -0.67 18.94
C GLY B 279 2.46 -0.47 18.75
N THR B 280 1.98 0.74 19.04
CA THR B 280 0.56 1.04 18.96
C THR B 280 0.31 2.15 17.95
N CYS B 281 -0.96 2.29 17.59
CA CYS B 281 -1.45 3.41 16.79
C CYS B 281 -2.45 4.18 17.66
N GLU B 282 -2.14 5.46 17.92
CA GLU B 282 -2.89 6.22 18.91
C GLU B 282 -3.38 7.51 18.28
N ARG B 283 -4.41 8.06 18.93
CA ARG B 283 -5.06 9.32 18.57
C ARG B 283 -5.41 10.05 19.87
N CYS B 284 -4.94 11.30 19.99
CA CYS B 284 -5.26 12.21 21.09
C CYS B 284 -5.32 11.49 22.43
N ASN B 285 -4.38 10.57 22.66
CA ASN B 285 -4.23 9.90 23.94
C ASN B 285 -2.92 10.40 24.55
N CYS B 286 -2.99 11.45 25.40
CA CYS B 286 -1.82 12.25 25.72
C CYS B 286 -1.29 11.98 27.13
N HIS B 287 -1.78 10.92 27.77
CA HIS B 287 -1.33 10.51 29.10
C HIS B 287 -1.31 11.69 30.07
N GLY B 288 -2.25 12.65 29.91
CA GLY B 288 -2.43 13.74 30.84
C GLY B 288 -1.39 14.85 30.71
N HIS B 289 -0.64 14.87 29.61
CA HIS B 289 0.43 15.84 29.43
C HIS B 289 0.07 16.87 28.37
N SER B 290 -1.08 16.69 27.71
CA SER B 290 -1.57 17.66 26.74
C SER B 290 -3.07 17.49 26.60
N GLU B 291 -3.75 18.57 26.17
CA GLU B 291 -5.15 18.50 25.81
C GLU B 291 -5.33 18.96 24.37
N THR B 292 -4.23 19.05 23.62
CA THR B 292 -4.27 19.46 22.22
C THR B 292 -3.48 18.46 21.40
N CYS B 293 -3.91 18.26 20.15
CA CYS B 293 -3.35 17.23 19.27
C CYS B 293 -3.67 17.56 17.81
N GLU B 294 -2.88 16.98 16.89
CA GLU B 294 -3.06 17.19 15.46
C GLU B 294 -4.43 16.64 15.09
N PRO B 295 -5.34 17.46 14.51
CA PRO B 295 -6.73 17.04 14.30
C PRO B 295 -6.90 15.82 13.39
N GLU B 296 -5.97 15.65 12.44
CA GLU B 296 -6.12 14.64 11.40
C GLU B 296 -5.17 13.47 11.59
N THR B 297 -4.09 13.61 12.39
CA THR B 297 -3.13 12.53 12.60
C THR B 297 -3.29 11.91 13.99
N GLY B 298 -3.61 12.73 15.01
CA GLY B 298 -3.80 12.23 16.37
C GLY B 298 -2.53 12.36 17.23
N ALA B 299 -1.45 12.85 16.63
CA ALA B 299 -0.23 13.13 17.37
C ALA B 299 -0.48 14.27 18.35
N CYS B 300 -0.24 14.02 19.64
CA CYS B 300 -0.29 15.04 20.66
C CYS B 300 0.71 16.17 20.36
N GLN B 301 0.37 17.38 20.80
CA GLN B 301 1.18 18.56 20.51
C GLN B 301 1.51 19.30 21.81
N SER B 302 2.75 19.80 21.85
CA SER B 302 3.29 20.57 22.97
C SER B 302 3.04 19.85 24.29
N CYS B 303 3.58 18.63 24.36
CA CYS B 303 3.55 17.85 25.59
C CYS B 303 4.17 18.66 26.72
N GLN B 304 3.53 18.63 27.89
CA GLN B 304 3.99 19.32 29.08
C GLN B 304 4.81 18.37 29.94
N HIS B 305 5.37 18.88 31.03
CA HIS B 305 5.93 18.07 32.10
C HIS B 305 7.19 17.34 31.62
N HIS B 306 7.91 17.94 30.66
CA HIS B 306 9.17 17.42 30.14
C HIS B 306 8.95 16.06 29.47
N THR B 307 7.83 15.90 28.76
CA THR B 307 7.52 14.69 28.02
C THR B 307 7.59 14.98 26.53
N GLU B 308 7.54 13.91 25.72
CA GLU B 308 7.47 14.03 24.27
C GLU B 308 6.91 12.72 23.72
N GLY B 309 6.69 12.70 22.40
CA GLY B 309 6.16 11.53 21.71
C GLY B 309 4.73 11.79 21.23
N ALA B 310 4.22 10.87 20.41
CA ALA B 310 2.93 11.04 19.74
C ALA B 310 1.77 10.99 20.74
N SER B 311 2.01 10.35 21.90
CA SER B 311 1.03 10.32 22.98
C SER B 311 1.65 10.82 24.29
N CYS B 312 2.67 11.68 24.16
CA CYS B 312 3.47 12.17 25.29
C CYS B 312 3.92 11.04 26.21
N GLU B 313 4.31 9.90 25.61
CA GLU B 313 4.51 8.66 26.34
C GLU B 313 5.97 8.49 26.80
N GLN B 314 6.85 9.44 26.44
CA GLN B 314 8.26 9.34 26.81
C GLN B 314 8.73 10.62 27.49
N CYS B 315 9.68 10.47 28.41
CA CYS B 315 10.42 11.60 28.97
C CYS B 315 11.41 12.12 27.91
N GLN B 316 11.64 13.43 27.92
CA GLN B 316 12.59 14.07 27.03
C GLN B 316 14.02 13.65 27.38
N PRO B 317 14.99 13.79 26.43
CA PRO B 317 16.40 13.65 26.79
C PRO B 317 16.81 14.60 27.92
N GLY B 318 17.48 14.05 28.94
CA GLY B 318 17.89 14.81 30.11
C GLY B 318 16.97 14.58 31.30
N TYR B 319 15.91 13.77 31.08
CA TYR B 319 14.94 13.44 32.11
C TYR B 319 14.73 11.93 32.10
N TYR B 320 14.07 11.41 33.15
CA TYR B 320 13.72 10.00 33.25
C TYR B 320 12.43 9.83 34.04
N GLY B 321 11.74 8.70 33.83
CA GLY B 321 10.49 8.40 34.51
C GLY B 321 9.52 7.62 33.61
N ASP B 322 8.34 7.31 34.14
CA ASP B 322 7.27 6.66 33.37
C ASP B 322 6.20 7.70 33.03
N ALA B 323 6.29 8.24 31.80
CA ALA B 323 5.43 9.33 31.37
C ALA B 323 3.99 8.85 31.15
N GLN B 324 3.77 7.53 31.19
CA GLN B 324 2.45 6.97 30.95
C GLN B 324 1.60 6.97 32.22
N ARG B 325 2.17 7.34 33.37
CA ARG B 325 1.41 7.30 34.61
C ARG B 325 0.43 8.47 34.67
N GLY B 326 0.84 9.64 34.18
CA GLY B 326 -0.10 10.72 33.88
C GLY B 326 0.00 11.92 34.81
N THR B 327 1.00 11.95 35.70
CA THR B 327 1.12 13.04 36.66
C THR B 327 2.06 14.11 36.10
N PRO B 328 2.04 15.35 36.64
CA PRO B 328 2.99 16.37 36.22
C PRO B 328 4.45 16.11 36.60
N GLN B 329 4.69 15.20 37.57
CA GLN B 329 6.05 14.89 38.01
C GLN B 329 6.46 13.48 37.58
N ASP B 330 5.98 13.03 36.42
CA ASP B 330 6.39 11.76 35.84
C ASP B 330 7.89 11.76 35.55
N CYS B 331 8.38 12.87 34.96
CA CYS B 331 9.73 12.96 34.43
C CYS B 331 10.60 13.86 35.31
N GLN B 332 11.67 13.28 35.87
CA GLN B 332 12.60 13.99 36.74
C GLN B 332 13.91 14.24 35.98
N PRO B 333 14.68 15.31 36.32
CA PRO B 333 15.95 15.57 35.66
C PRO B 333 17.04 14.57 36.02
N CYS B 334 17.98 14.35 35.09
CA CYS B 334 18.99 13.32 35.25
C CYS B 334 20.05 13.74 36.26
N PRO B 335 20.32 12.95 37.33
CA PRO B 335 21.30 13.31 38.35
C PRO B 335 22.71 12.83 38.05
N CYS B 336 23.28 13.32 36.93
CA CYS B 336 24.60 12.91 36.49
C CYS B 336 25.63 14.00 36.77
N TYR B 337 26.74 13.63 37.41
CA TYR B 337 27.84 14.55 37.70
C TYR B 337 28.75 14.72 36.48
N THR B 348 22.14 12.58 29.91
CA THR B 348 20.96 11.72 29.71
C THR B 348 21.08 10.48 30.59
N CYS B 349 19.91 9.88 30.89
CA CYS B 349 19.81 8.75 31.80
C CYS B 349 18.47 8.04 31.54
N PHE B 350 18.28 6.87 32.16
CA PHE B 350 17.03 6.14 32.04
C PHE B 350 16.61 5.62 33.41
N LEU B 351 15.32 5.35 33.56
CA LEU B 351 14.77 4.73 34.77
C LEU B 351 15.07 3.24 34.70
N ASP B 352 15.99 2.78 35.56
CA ASP B 352 16.44 1.41 35.48
C ASP B 352 15.33 0.53 36.06
N THR B 353 15.49 -0.80 35.97
CA THR B 353 14.41 -1.71 36.32
C THR B 353 14.39 -1.94 37.84
N ASP B 354 15.22 -1.22 38.59
CA ASP B 354 15.20 -1.25 40.04
C ASP B 354 14.55 0.03 40.59
N GLY B 355 14.00 0.85 39.69
CA GLY B 355 13.31 2.06 40.11
C GLY B 355 14.24 3.25 40.32
N HIS B 356 15.54 3.10 40.04
CA HIS B 356 16.49 4.19 40.19
C HIS B 356 17.07 4.62 38.85
N PRO B 357 17.44 5.91 38.68
CA PRO B 357 18.00 6.39 37.42
C PRO B 357 19.43 5.92 37.19
N THR B 358 19.78 5.66 35.93
CA THR B 358 21.12 5.30 35.54
C THR B 358 21.57 6.18 34.38
N CYS B 359 22.72 6.84 34.56
CA CYS B 359 23.33 7.72 33.58
C CYS B 359 23.99 6.91 32.46
N ASP B 360 23.73 7.31 31.20
CA ASP B 360 24.13 6.52 30.03
C ASP B 360 25.54 6.85 29.51
N SER B 361 25.94 8.10 29.61
CA SER B 361 27.16 8.56 28.93
C SER B 361 27.99 9.47 29.85
N CYS B 362 28.59 8.85 30.87
CA CYS B 362 29.63 9.51 31.65
C CYS B 362 30.92 9.51 30.82
N SER B 363 32.05 9.86 31.45
CA SER B 363 33.34 9.83 30.77
C SER B 363 33.79 8.39 30.55
N HIS B 370 25.11 8.14 38.22
CA HIS B 370 25.54 9.41 38.88
C HIS B 370 27.00 9.72 38.55
N CYS B 371 27.77 8.68 38.22
CA CYS B 371 29.09 8.78 37.61
C CYS B 371 30.21 8.92 38.66
N GLU B 372 29.88 9.07 39.95
CA GLU B 372 30.92 9.26 40.96
C GLU B 372 31.51 7.89 41.32
C1 SIN C . -1.79 2.78 -44.61
O1 SIN C . -2.34 3.38 -43.68
O2 SIN C . -1.40 3.34 -45.66
C2 SIN C . -1.52 1.29 -44.46
C3 SIN C . -0.38 0.72 -45.35
C4 SIN C . -0.79 0.24 -46.75
O3 SIN C . -0.78 -1.01 -47.00
O4 SIN C . -1.10 1.12 -47.58
H21 SIN C . -2.36 0.81 -44.67
H22 SIN C . -1.32 1.10 -43.53
H31 SIN C . 0.04 -0.03 -44.89
H32 SIN C . 0.31 1.41 -45.46
C1 GOL D . 10.45 -8.60 -42.62
O1 GOL D . 10.00 -9.87 -42.18
C2 GOL D . 9.29 -7.65 -42.73
O2 GOL D . 9.36 -6.60 -41.76
C3 GOL D . 7.99 -8.40 -42.56
O3 GOL D . 6.90 -7.49 -42.43
H11 GOL D . 10.90 -8.68 -43.50
H12 GOL D . 11.12 -8.24 -41.97
HO1 GOL D . 10.63 -10.40 -42.08
H2 GOL D . 9.30 -7.25 -43.62
HO2 GOL D . 10.13 -6.17 -42.07
H31 GOL D . 8.03 -8.96 -41.75
H32 GOL D . 7.84 -8.98 -43.33
HO3 GOL D . 6.20 -7.90 -42.33
C1 GOL E . -2.35 0.90 -10.91
O1 GOL E . -3.18 -0.17 -11.40
C2 GOL E . -2.50 2.14 -11.77
O2 GOL E . -2.78 1.79 -13.13
C3 GOL E . -1.32 3.09 -11.72
O3 GOL E . -0.08 2.42 -11.52
H11 GOL E . -1.42 0.59 -10.92
H12 GOL E . -2.61 1.11 -9.98
HO1 GOL E . -3.01 -0.84 -10.92
H2 GOL E . -3.28 2.63 -11.44
HO2 GOL E . -3.46 1.31 -13.18
H31 GOL E . -1.46 3.73 -10.97
H32 GOL E . -1.27 3.61 -12.56
HO3 GOL E . 0.45 3.16 -11.48
C1 GOL F . -5.76 -11.04 -46.39
O1 GOL F . -6.85 -10.17 -46.09
C2 GOL F . -5.36 -11.85 -45.18
O2 GOL F . -6.44 -11.85 -44.26
C3 GOL F . -4.96 -13.27 -45.52
O3 GOL F . -3.78 -13.29 -46.30
H11 GOL F . -4.99 -10.50 -46.69
H12 GOL F . -6.02 -11.65 -47.12
HO1 GOL F . -6.95 -9.69 -46.77
H2 GOL F . -4.59 -11.41 -44.76
HO2 GOL F . -7.06 -12.20 -44.60
H31 GOL F . -5.69 -13.71 -46.01
H32 GOL F . -4.81 -13.77 -44.68
HO3 GOL F . -3.53 -14.15 -46.42
C1 SIN G . -7.05 -30.15 23.43
O1 SIN G . -8.18 -30.70 23.22
O2 SIN G . -6.30 -29.71 22.52
C2 SIN G . -6.54 -30.11 24.87
C3 SIN G . -5.20 -29.47 25.14
C4 SIN G . -4.83 -28.14 24.49
O3 SIN G . -5.67 -27.56 23.81
O4 SIN G . -3.69 -27.70 24.66
H21 SIN G . -6.51 -31.03 25.20
H22 SIN G . -7.22 -29.65 25.40
H31 SIN G . -4.51 -30.11 24.89
H32 SIN G . -5.12 -29.33 26.10
C1 GOL H . 3.58 -7.64 -2.98
O1 GOL H . 3.14 -7.74 -4.34
C2 GOL H . 2.47 -7.18 -2.05
O2 GOL H . 1.20 -7.16 -2.71
C3 GOL H . 2.75 -5.81 -1.47
O3 GOL H . 4.12 -5.68 -1.09
H11 GOL H . 4.32 -7.00 -2.94
H12 GOL H . 3.91 -8.51 -2.69
HO1 GOL H . 3.77 -7.95 -4.86
H2 GOL H . 2.42 -7.83 -1.31
HO2 GOL H . 1.10 -8.05 -2.93
H31 GOL H . 2.18 -5.67 -0.68
H32 GOL H . 2.53 -5.12 -2.14
HO3 GOL H . 4.24 -4.91 -0.80
C1 GOL I . 2.85 -25.23 0.89
O1 GOL I . 1.75 -25.20 -0.02
C2 GOL I . 3.24 -23.84 1.37
O2 GOL I . 2.44 -23.48 2.50
C3 GOL I . 4.75 -23.73 1.63
O3 GOL I . 5.12 -22.53 2.32
H11 GOL I . 3.63 -25.65 0.44
H12 GOL I . 2.61 -25.78 1.68
HO1 GOL I . 1.46 -25.90 -0.33
H2 GOL I . 3.03 -23.21 0.63
HO2 GOL I . 2.54 -24.06 3.05
H31 GOL I . 5.23 -23.76 0.77
H32 GOL I . 5.03 -24.50 2.17
HO3 GOL I . 5.96 -22.59 2.37
C1 GOL J . 15.47 -10.70 -15.77
O1 GOL J . 16.07 -10.50 -17.06
C2 GOL J . 16.51 -10.71 -14.66
O2 GOL J . 16.15 -11.50 -13.52
C3 GOL J . 16.85 -9.29 -14.27
O3 GOL J . 16.06 -8.35 -15.00
H11 GOL J . 14.98 -11.54 -15.76
H12 GOL J . 14.83 -9.98 -15.59
HO1 GOL J . 15.37 -10.45 -17.67
H2 GOL J . 17.34 -11.11 -15.04
HO2 GOL J . 15.94 -12.26 -13.80
H31 GOL J . 17.80 -9.11 -14.44
H32 GOL J . 16.68 -9.17 -13.30
HO3 GOL J . 16.32 -7.55 -14.78
C1 GOL K . 0.31 -7.90 1.77
O1 GOL K . 1.66 -8.28 2.04
C2 GOL K . 0.07 -6.41 1.82
O2 GOL K . -0.78 -6.05 0.73
C3 GOL K . -0.56 -5.94 3.13
O3 GOL K . -1.59 -4.99 2.90
H11 GOL K . -0.26 -8.32 2.45
H12 GOL K . 0.05 -8.24 0.88
HO1 GOL K . 1.91 -9.22 2.01
H2 GOL K . 0.93 -5.95 1.72
HO2 GOL K . -1.57 -6.89 1.01
H31 GOL K . 0.15 -5.54 3.69
H32 GOL K . -0.93 -6.71 3.61
HO3 GOL K . -1.55 -4.63 3.64
#